data_2M2R
#
_entry.id   2M2R
#
_entity_poly.entity_id   1
_entity_poly.type   'polypeptide(L)'
_entity_poly.pdbx_seq_one_letter_code
;GCAGKACNLLGLTCDAGCFCRPDGVGIVAGVCV
;
_entity_poly.pdbx_strand_id   A
#
# COMPACT_ATOMS: atom_id res chain seq x y z
N GLY A 1 -9.54 -5.11 0.68
CA GLY A 1 -9.44 -5.69 -0.68
C GLY A 1 -9.45 -4.62 -1.75
N CYS A 2 -8.61 -3.61 -1.56
CA CYS A 2 -8.53 -2.50 -2.48
C CYS A 2 -7.17 -2.49 -3.16
N ALA A 3 -6.68 -3.69 -3.41
CA ALA A 3 -5.39 -3.89 -4.05
C ALA A 3 -5.47 -3.64 -5.55
N GLY A 4 -5.29 -2.38 -5.93
CA GLY A 4 -5.35 -2.01 -7.32
C GLY A 4 -4.27 -2.69 -8.14
N LYS A 5 -3.07 -2.74 -7.58
CA LYS A 5 -1.94 -3.39 -8.24
C LYS A 5 -0.73 -3.43 -7.30
N ALA A 6 -0.41 -2.27 -6.74
CA ALA A 6 0.71 -2.13 -5.82
C ALA A 6 0.67 -0.75 -5.17
N CYS A 7 1.32 -0.61 -4.03
CA CYS A 7 1.36 0.66 -3.32
C CYS A 7 2.65 0.80 -2.53
N ASN A 8 3.34 1.90 -2.74
CA ASN A 8 4.58 2.16 -2.01
C ASN A 8 4.28 3.00 -0.77
N LEU A 9 4.87 2.63 0.36
CA LEU A 9 4.68 3.35 1.62
C LEU A 9 5.42 4.70 1.61
N LEU A 10 5.27 5.43 0.53
CA LEU A 10 5.91 6.74 0.37
C LEU A 10 4.83 7.76 0.02
N GLY A 11 3.61 7.47 0.43
CA GLY A 11 2.49 8.34 0.17
C GLY A 11 1.17 7.62 0.34
N LEU A 12 0.29 7.75 -0.65
CA LEU A 12 -1.00 7.10 -0.61
C LEU A 12 -1.58 6.97 -2.01
N THR A 13 -2.23 5.85 -2.26
CA THR A 13 -2.84 5.56 -3.56
C THR A 13 -3.78 4.37 -3.43
N CYS A 14 -4.57 4.38 -2.37
CA CYS A 14 -5.51 3.32 -2.09
C CYS A 14 -6.86 3.92 -1.72
N ASP A 15 -7.93 3.16 -1.94
CA ASP A 15 -9.28 3.59 -1.62
C ASP A 15 -9.40 3.97 -0.16
N ALA A 16 -10.29 4.91 0.14
CA ALA A 16 -10.49 5.38 1.50
C ALA A 16 -10.82 4.21 2.44
N GLY A 17 -10.03 4.08 3.50
CA GLY A 17 -10.23 3.01 4.45
C GLY A 17 -9.18 1.93 4.31
N CYS A 18 -8.74 1.70 3.08
CA CYS A 18 -7.72 0.70 2.81
C CYS A 18 -6.33 1.32 2.93
N PHE A 19 -5.66 1.04 4.03
CA PHE A 19 -4.34 1.58 4.28
C PHE A 19 -3.28 0.90 3.41
N CYS A 20 -2.28 1.66 2.99
CA CYS A 20 -1.22 1.14 2.17
C CYS A 20 -0.31 0.27 3.03
N ARG A 21 -0.21 -1.01 2.71
CA ARG A 21 0.60 -1.92 3.48
C ARG A 21 1.86 -2.32 2.73
N PRO A 22 3.03 -2.24 3.38
CA PRO A 22 4.30 -2.62 2.78
C PRO A 22 4.38 -4.13 2.64
N ASP A 23 5.28 -4.61 1.80
CA ASP A 23 5.43 -6.04 1.57
C ASP A 23 5.76 -6.75 2.88
N GLY A 24 6.81 -6.30 3.54
CA GLY A 24 7.20 -6.90 4.80
C GLY A 24 8.08 -6.00 5.62
N VAL A 25 9.03 -6.59 6.32
CA VAL A 25 9.95 -5.84 7.15
C VAL A 25 11.07 -5.23 6.34
N GLY A 26 11.31 -3.94 6.56
CA GLY A 26 12.37 -3.23 5.85
C GLY A 26 12.09 -3.07 4.38
N ILE A 27 10.82 -3.02 4.00
CA ILE A 27 10.43 -2.85 2.61
C ILE A 27 9.48 -1.68 2.47
N VAL A 28 9.75 -0.84 1.51
CA VAL A 28 8.94 0.35 1.25
C VAL A 28 7.80 0.04 0.27
N ALA A 29 8.06 -0.89 -0.64
CA ALA A 29 7.06 -1.28 -1.62
C ALA A 29 6.06 -2.24 -1.01
N GLY A 30 4.82 -2.18 -1.45
CA GLY A 30 3.80 -3.06 -0.92
C GLY A 30 2.54 -3.04 -1.77
N VAL A 31 1.40 -3.25 -1.14
CA VAL A 31 0.13 -3.25 -1.85
C VAL A 31 -1.01 -2.83 -0.91
N CYS A 32 -2.03 -2.20 -1.47
CA CYS A 32 -3.19 -1.77 -0.70
C CYS A 32 -3.93 -2.97 -0.14
N VAL A 33 -4.36 -2.89 1.11
CA VAL A 33 -5.07 -3.98 1.76
C VAL A 33 -6.49 -4.12 1.21
N GLY A 1 -7.09 -5.19 -1.36
CA GLY A 1 -8.42 -5.16 -2.02
C GLY A 1 -8.68 -3.86 -2.73
N CYS A 2 -8.49 -2.75 -2.04
CA CYS A 2 -8.72 -1.43 -2.61
C CYS A 2 -7.59 -1.07 -3.59
N ALA A 3 -6.39 -1.55 -3.30
CA ALA A 3 -5.23 -1.28 -4.14
C ALA A 3 -5.42 -1.84 -5.54
N GLY A 4 -5.11 -1.03 -6.53
CA GLY A 4 -5.23 -1.45 -7.91
C GLY A 4 -4.33 -2.63 -8.23
N LYS A 5 -3.15 -2.67 -7.62
CA LYS A 5 -2.21 -3.76 -7.83
C LYS A 5 -1.02 -3.66 -6.88
N ALA A 6 -0.47 -2.47 -6.72
CA ALA A 6 0.67 -2.26 -5.84
C ALA A 6 0.68 -0.84 -5.31
N CYS A 7 1.37 -0.63 -4.20
CA CYS A 7 1.46 0.68 -3.58
C CYS A 7 2.77 0.83 -2.81
N ASN A 8 3.41 1.97 -2.97
CA ASN A 8 4.64 2.24 -2.26
C ASN A 8 4.36 3.15 -1.08
N LEU A 9 4.97 2.85 0.06
CA LEU A 9 4.78 3.64 1.28
C LEU A 9 5.47 5.01 1.19
N LEU A 10 5.23 5.70 0.09
CA LEU A 10 5.80 7.02 -0.16
C LEU A 10 4.67 7.99 -0.47
N GLY A 11 3.52 7.74 0.14
CA GLY A 11 2.36 8.57 -0.07
C GLY A 11 1.10 7.91 0.47
N LEU A 12 0.02 8.00 -0.28
CA LEU A 12 -1.25 7.40 0.13
C LEU A 12 -2.14 7.20 -1.08
N THR A 13 -1.65 6.42 -2.04
CA THR A 13 -2.40 6.13 -3.26
C THR A 13 -3.38 4.98 -3.02
N CYS A 14 -4.18 5.09 -1.96
CA CYS A 14 -5.15 4.07 -1.62
C CYS A 14 -6.43 4.72 -1.10
N ASP A 15 -7.55 4.03 -1.28
CA ASP A 15 -8.84 4.52 -0.84
C ASP A 15 -8.84 4.72 0.68
N ALA A 16 -9.63 5.69 1.13
CA ALA A 16 -9.72 6.00 2.55
C ALA A 16 -10.09 4.77 3.36
N GLY A 17 -9.26 4.45 4.34
CA GLY A 17 -9.51 3.28 5.16
C GLY A 17 -8.59 2.14 4.80
N CYS A 18 -8.29 2.01 3.52
CA CYS A 18 -7.42 0.96 3.02
C CYS A 18 -5.98 1.43 3.08
N PHE A 19 -5.34 1.24 4.23
CA PHE A 19 -3.96 1.66 4.42
C PHE A 19 -3.00 0.90 3.50
N CYS A 20 -1.99 1.60 3.03
CA CYS A 20 -0.99 1.01 2.15
C CYS A 20 -0.06 0.14 2.99
N ARG A 21 -0.24 -1.17 2.90
CA ARG A 21 0.58 -2.09 3.66
C ARG A 21 1.85 -2.44 2.90
N PRO A 22 3.01 -2.37 3.57
CA PRO A 22 4.28 -2.71 2.94
C PRO A 22 4.38 -4.21 2.70
N ASP A 23 5.25 -4.61 1.79
CA ASP A 23 5.43 -6.02 1.45
C ASP A 23 5.80 -6.83 2.69
N GLY A 24 6.83 -6.39 3.39
CA GLY A 24 7.25 -7.07 4.59
C GLY A 24 8.03 -6.16 5.51
N VAL A 25 9.04 -6.71 6.15
CA VAL A 25 9.86 -5.96 7.08
C VAL A 25 10.97 -5.20 6.36
N GLY A 26 11.08 -3.92 6.65
CA GLY A 26 12.10 -3.08 6.04
C GLY A 26 11.90 -2.89 4.55
N ILE A 27 10.65 -2.87 4.12
CA ILE A 27 10.34 -2.69 2.71
C ILE A 27 9.36 -1.54 2.54
N VAL A 28 9.63 -0.69 1.57
CA VAL A 28 8.78 0.48 1.30
C VAL A 28 7.67 0.13 0.31
N ALA A 29 7.96 -0.79 -0.60
CA ALA A 29 6.98 -1.21 -1.60
C ALA A 29 6.01 -2.20 -0.97
N GLY A 30 4.76 -2.12 -1.37
CA GLY A 30 3.75 -3.02 -0.84
C GLY A 30 2.45 -2.96 -1.61
N VAL A 31 1.34 -3.12 -0.90
CA VAL A 31 0.03 -3.07 -1.52
C VAL A 31 -1.03 -2.63 -0.51
N CYS A 32 -1.95 -1.76 -0.94
CA CYS A 32 -3.01 -1.28 -0.06
C CYS A 32 -3.94 -2.45 0.26
N VAL A 33 -4.44 -2.50 1.48
CA VAL A 33 -5.34 -3.56 1.88
C VAL A 33 -6.65 -3.50 1.08
N GLY A 1 -11.65 -2.21 -5.56
CA GLY A 1 -11.90 -1.52 -4.27
C GLY A 1 -10.79 -0.55 -3.99
N CYS A 2 -10.46 -0.37 -2.71
CA CYS A 2 -9.38 0.53 -2.32
C CYS A 2 -8.05 0.04 -2.87
N ALA A 3 -7.82 -1.26 -2.77
CA ALA A 3 -6.60 -1.85 -3.30
C ALA A 3 -6.59 -1.76 -4.81
N GLY A 4 -5.66 -0.99 -5.35
CA GLY A 4 -5.57 -0.81 -6.79
C GLY A 4 -4.81 -1.94 -7.45
N LYS A 5 -3.61 -2.22 -6.94
CA LYS A 5 -2.76 -3.27 -7.48
C LYS A 5 -1.45 -3.34 -6.71
N ALA A 6 -0.91 -2.16 -6.41
CA ALA A 6 0.34 -2.05 -5.67
C ALA A 6 0.43 -0.68 -5.02
N CYS A 7 1.29 -0.54 -4.03
CA CYS A 7 1.45 0.72 -3.33
C CYS A 7 2.88 0.84 -2.80
N ASN A 8 3.46 2.03 -2.90
CA ASN A 8 4.81 2.25 -2.43
C ASN A 8 4.85 3.41 -1.45
N LEU A 9 5.49 3.20 -0.30
CA LEU A 9 5.61 4.21 0.74
C LEU A 9 6.62 5.28 0.34
N LEU A 10 6.44 5.84 -0.85
CA LEU A 10 7.32 6.88 -1.36
C LEU A 10 6.50 8.11 -1.75
N GLY A 11 5.39 7.85 -2.42
CA GLY A 11 4.51 8.91 -2.85
C GLY A 11 3.32 8.37 -3.61
N LEU A 12 2.68 7.37 -3.02
CA LEU A 12 1.53 6.74 -3.64
C LEU A 12 0.59 6.24 -2.55
N THR A 13 -0.70 6.42 -2.76
CA THR A 13 -1.71 6.00 -1.81
C THR A 13 -2.99 5.65 -2.52
N CYS A 14 -3.66 4.61 -2.06
CA CYS A 14 -4.91 4.16 -2.66
C CYS A 14 -6.10 4.86 -2.00
N ASP A 15 -7.28 4.25 -2.10
CA ASP A 15 -8.49 4.81 -1.50
C ASP A 15 -8.33 5.01 0.00
N ALA A 16 -8.85 6.12 0.50
CA ALA A 16 -8.77 6.46 1.92
C ALA A 16 -9.51 5.42 2.76
N GLY A 17 -8.82 4.89 3.75
CA GLY A 17 -9.42 3.89 4.61
C GLY A 17 -8.57 2.64 4.68
N CYS A 18 -8.19 2.14 3.51
CA CYS A 18 -7.35 0.97 3.41
C CYS A 18 -5.89 1.39 3.42
N PHE A 19 -5.19 1.01 4.48
CA PHE A 19 -3.80 1.38 4.66
C PHE A 19 -2.88 0.75 3.62
N CYS A 20 -1.85 1.51 3.25
CA CYS A 20 -0.87 1.04 2.28
C CYS A 20 0.05 0.05 2.98
N ARG A 21 -0.23 -1.23 2.82
CA ARG A 21 0.55 -2.27 3.46
C ARG A 21 1.84 -2.55 2.71
N PRO A 22 2.98 -2.44 3.40
CA PRO A 22 4.28 -2.73 2.81
C PRO A 22 4.40 -4.23 2.58
N ASP A 23 5.29 -4.62 1.69
CA ASP A 23 5.46 -6.04 1.39
C ASP A 23 5.77 -6.83 2.65
N GLY A 24 6.79 -6.38 3.39
CA GLY A 24 7.15 -7.03 4.62
C GLY A 24 7.85 -6.08 5.57
N VAL A 25 8.85 -6.59 6.28
CA VAL A 25 9.59 -5.79 7.23
C VAL A 25 10.72 -5.02 6.55
N GLY A 26 10.78 -3.72 6.82
CA GLY A 26 11.81 -2.87 6.24
C GLY A 26 11.71 -2.74 4.73
N ILE A 27 10.50 -2.76 4.21
CA ILE A 27 10.28 -2.63 2.78
C ILE A 27 9.35 -1.47 2.48
N VAL A 28 9.69 -0.69 1.48
CA VAL A 28 8.89 0.47 1.09
C VAL A 28 7.82 0.09 0.07
N ALA A 29 8.13 -0.93 -0.73
CA ALA A 29 7.20 -1.40 -1.74
C ALA A 29 6.20 -2.37 -1.13
N GLY A 30 4.99 -2.37 -1.64
CA GLY A 30 3.97 -3.27 -1.13
C GLY A 30 2.66 -3.13 -1.88
N VAL A 31 1.56 -3.31 -1.18
CA VAL A 31 0.24 -3.20 -1.78
C VAL A 31 -0.79 -2.77 -0.74
N CYS A 32 -1.64 -1.82 -1.11
CA CYS A 32 -2.68 -1.35 -0.21
C CYS A 32 -3.73 -2.44 -0.03
N VAL A 33 -4.30 -2.52 1.15
CA VAL A 33 -5.33 -3.52 1.42
C VAL A 33 -6.65 -3.08 0.83
N GLY A 1 -8.83 -5.30 -0.92
CA GLY A 1 -8.03 -5.22 -2.16
C GLY A 1 -8.38 -3.99 -2.96
N CYS A 2 -8.23 -2.82 -2.36
CA CYS A 2 -8.55 -1.57 -3.02
C CYS A 2 -7.45 -1.17 -3.99
N ALA A 3 -6.22 -1.60 -3.70
CA ALA A 3 -5.08 -1.29 -4.54
C ALA A 3 -5.27 -1.82 -5.96
N GLY A 4 -5.08 -0.94 -6.93
CA GLY A 4 -5.24 -1.32 -8.32
C GLY A 4 -4.25 -2.39 -8.74
N LYS A 5 -3.02 -2.30 -8.22
CA LYS A 5 -1.98 -3.27 -8.54
C LYS A 5 -0.98 -3.36 -7.39
N ALA A 6 -0.48 -2.21 -6.94
CA ALA A 6 0.49 -2.16 -5.86
C ALA A 6 0.51 -0.77 -5.23
N CYS A 7 1.34 -0.61 -4.21
CA CYS A 7 1.47 0.66 -3.52
C CYS A 7 2.89 0.80 -2.95
N ASN A 8 3.33 2.04 -2.77
CA ASN A 8 4.66 2.30 -2.23
C ASN A 8 4.58 3.39 -1.17
N LEU A 9 5.21 3.14 -0.02
CA LEU A 9 5.22 4.10 1.08
C LEU A 9 6.21 5.24 0.81
N LEU A 10 6.17 5.76 -0.40
CA LEU A 10 7.04 6.86 -0.80
C LEU A 10 6.23 8.11 -1.06
N GLY A 11 5.42 8.48 -0.08
CA GLY A 11 4.58 9.65 -0.22
C GLY A 11 3.42 9.41 -1.18
N LEU A 12 2.78 8.27 -1.01
CA LEU A 12 1.66 7.88 -1.85
C LEU A 12 0.61 7.20 -0.98
N THR A 13 -0.64 7.54 -1.22
CA THR A 13 -1.74 6.97 -0.46
C THR A 13 -2.89 6.61 -1.39
N CYS A 14 -3.48 5.46 -1.14
CA CYS A 14 -4.60 4.98 -1.95
C CYS A 14 -5.93 5.34 -1.32
N ASP A 15 -6.91 4.46 -1.50
CA ASP A 15 -8.27 4.66 -0.99
C ASP A 15 -8.26 4.76 0.53
N ALA A 16 -9.12 5.65 1.03
CA ALA A 16 -9.24 5.85 2.47
C ALA A 16 -9.75 4.59 3.15
N GLY A 17 -9.04 4.14 4.17
CA GLY A 17 -9.42 2.94 4.87
C GLY A 17 -8.54 1.77 4.47
N CYS A 18 -8.23 1.70 3.19
CA CYS A 18 -7.37 0.65 2.66
C CYS A 18 -5.92 1.08 2.77
N PHE A 19 -5.41 1.05 3.99
CA PHE A 19 -4.04 1.47 4.28
C PHE A 19 -3.02 0.76 3.39
N CYS A 20 -2.03 1.52 2.95
CA CYS A 20 -0.97 1.01 2.10
C CYS A 20 -0.04 0.13 2.93
N ARG A 21 -0.32 -1.16 2.93
CA ARG A 21 0.48 -2.11 3.69
C ARG A 21 1.78 -2.43 2.96
N PRO A 22 2.91 -2.37 3.66
CA PRO A 22 4.21 -2.68 3.07
C PRO A 22 4.33 -4.17 2.81
N ASP A 23 5.21 -4.55 1.91
CA ASP A 23 5.40 -5.96 1.56
C ASP A 23 5.77 -6.75 2.81
N GLY A 24 6.80 -6.32 3.50
CA GLY A 24 7.23 -6.99 4.70
C GLY A 24 8.07 -6.10 5.58
N VAL A 25 9.07 -6.70 6.22
CA VAL A 25 9.96 -5.96 7.10
C VAL A 25 11.05 -5.23 6.32
N GLY A 26 11.19 -3.94 6.60
CA GLY A 26 12.19 -3.12 5.95
C GLY A 26 11.96 -2.96 4.45
N ILE A 27 10.69 -2.93 4.05
CA ILE A 27 10.35 -2.76 2.65
C ILE A 27 9.43 -1.57 2.48
N VAL A 28 9.73 -0.75 1.47
CA VAL A 28 8.96 0.45 1.18
C VAL A 28 7.80 0.15 0.23
N ALA A 29 7.98 -0.87 -0.59
CA ALA A 29 6.96 -1.27 -1.54
C ALA A 29 5.96 -2.20 -0.87
N GLY A 30 4.72 -2.17 -1.33
CA GLY A 30 3.70 -3.01 -0.75
C GLY A 30 2.41 -2.99 -1.55
N VAL A 31 1.30 -3.19 -0.88
CA VAL A 31 0.00 -3.21 -1.53
C VAL A 31 -1.10 -2.79 -0.56
N CYS A 32 -2.02 -1.97 -1.04
CA CYS A 32 -3.14 -1.51 -0.22
C CYS A 32 -4.08 -2.67 0.06
N VAL A 33 -4.59 -2.74 1.28
CA VAL A 33 -5.50 -3.81 1.67
C VAL A 33 -6.84 -3.72 0.96
N GLY A 1 -9.14 -5.48 0.57
CA GLY A 1 -8.74 -5.49 -0.86
C GLY A 1 -9.24 -4.27 -1.59
N CYS A 2 -8.94 -3.11 -1.04
CA CYS A 2 -9.38 -1.85 -1.63
C CYS A 2 -8.38 -1.39 -2.70
N ALA A 3 -7.19 -1.96 -2.64
CA ALA A 3 -6.12 -1.62 -3.58
C ALA A 3 -6.48 -1.94 -5.02
N GLY A 4 -6.51 -0.91 -5.85
CA GLY A 4 -6.79 -1.10 -7.25
C GLY A 4 -5.50 -1.33 -8.02
N LYS A 5 -4.39 -0.91 -7.40
CA LYS A 5 -3.06 -1.04 -7.95
C LYS A 5 -2.06 -1.19 -6.82
N ALA A 6 -0.83 -1.57 -7.15
CA ALA A 6 0.23 -1.72 -6.16
C ALA A 6 0.54 -0.36 -5.54
N CYS A 7 0.88 -0.36 -4.25
CA CYS A 7 1.19 0.88 -3.56
C CYS A 7 2.57 0.81 -2.94
N ASN A 8 3.46 1.68 -3.40
CA ASN A 8 4.83 1.71 -2.90
C ASN A 8 4.94 2.57 -1.62
N LEU A 9 3.81 2.70 -0.92
CA LEU A 9 3.75 3.49 0.31
C LEU A 9 4.25 4.91 0.08
N LEU A 10 3.92 5.47 -1.08
CA LEU A 10 4.33 6.82 -1.44
C LEU A 10 3.12 7.62 -1.89
N GLY A 11 2.00 7.39 -1.24
CA GLY A 11 0.78 8.10 -1.59
C GLY A 11 -0.45 7.30 -1.19
N LEU A 12 -1.41 7.24 -2.10
CA LEU A 12 -2.65 6.52 -1.85
C LEU A 12 -3.27 6.13 -3.20
N THR A 13 -3.73 4.90 -3.32
CA THR A 13 -4.32 4.42 -4.56
C THR A 13 -5.41 3.39 -4.27
N CYS A 14 -6.28 3.72 -3.33
CA CYS A 14 -7.39 2.85 -2.94
C CYS A 14 -8.46 3.65 -2.21
N ASP A 15 -9.24 2.97 -1.40
CA ASP A 15 -10.31 3.60 -0.64
C ASP A 15 -9.74 4.50 0.43
N ALA A 16 -10.45 5.59 0.71
CA ALA A 16 -10.04 6.55 1.73
C ALA A 16 -10.23 5.98 3.14
N GLY A 17 -9.46 4.94 3.44
CA GLY A 17 -9.54 4.29 4.72
C GLY A 17 -8.61 3.11 4.80
N CYS A 18 -8.34 2.50 3.65
CA CYS A 18 -7.46 1.35 3.58
C CYS A 18 -6.02 1.83 3.40
N PHE A 19 -5.18 1.47 4.35
CA PHE A 19 -3.79 1.87 4.35
C PHE A 19 -2.94 0.98 3.43
N CYS A 20 -1.91 1.57 2.86
CA CYS A 20 -0.99 0.83 2.01
C CYS A 20 -0.10 -0.02 2.88
N ARG A 21 -0.22 -1.33 2.75
CA ARG A 21 0.57 -2.24 3.56
C ARG A 21 1.87 -2.59 2.85
N PRO A 22 3.00 -2.49 3.56
CA PRO A 22 4.30 -2.84 2.98
C PRO A 22 4.43 -4.33 2.79
N ASP A 23 5.33 -4.74 1.91
CA ASP A 23 5.56 -6.13 1.62
C ASP A 23 5.95 -6.89 2.88
N GLY A 24 7.02 -6.44 3.53
CA GLY A 24 7.46 -7.08 4.74
C GLY A 24 8.26 -6.14 5.62
N VAL A 25 9.28 -6.69 6.26
CA VAL A 25 10.14 -5.90 7.14
C VAL A 25 11.21 -5.16 6.36
N GLY A 26 11.37 -3.89 6.69
CA GLY A 26 12.37 -3.06 6.03
C GLY A 26 12.06 -2.80 4.56
N ILE A 27 10.77 -2.80 4.24
CA ILE A 27 10.35 -2.55 2.86
C ILE A 27 9.20 -1.57 2.84
N VAL A 28 9.28 -0.60 1.94
CA VAL A 28 8.24 0.41 1.81
C VAL A 28 7.23 -0.02 0.74
N ALA A 29 7.73 -0.70 -0.29
CA ALA A 29 6.89 -1.17 -1.37
C ALA A 29 5.93 -2.24 -0.87
N GLY A 30 4.70 -2.21 -1.38
CA GLY A 30 3.72 -3.19 -0.97
C GLY A 30 2.41 -3.03 -1.71
N VAL A 31 1.31 -3.20 -1.01
CA VAL A 31 0.00 -3.09 -1.59
C VAL A 31 -1.02 -2.64 -0.56
N CYS A 32 -1.97 -1.81 -0.98
CA CYS A 32 -3.01 -1.30 -0.09
C CYS A 32 -3.90 -2.47 0.37
N VAL A 33 -4.35 -2.42 1.62
CA VAL A 33 -5.19 -3.48 2.16
C VAL A 33 -6.60 -3.48 1.57
N GLY A 1 -9.65 -4.10 1.03
CA GLY A 1 -9.84 -4.77 -0.28
C GLY A 1 -9.70 -3.80 -1.43
N CYS A 2 -8.66 -3.00 -1.39
CA CYS A 2 -8.41 -2.01 -2.43
C CYS A 2 -7.05 -2.25 -3.06
N ALA A 3 -6.73 -3.53 -3.25
CA ALA A 3 -5.46 -3.94 -3.84
C ALA A 3 -5.46 -3.73 -5.35
N GLY A 4 -5.38 -2.47 -5.74
CA GLY A 4 -5.38 -2.12 -7.15
C GLY A 4 -4.28 -2.82 -7.93
N LYS A 5 -3.08 -2.87 -7.34
CA LYS A 5 -1.94 -3.53 -7.96
C LYS A 5 -0.75 -3.54 -7.03
N ALA A 6 -0.41 -2.35 -6.52
CA ALA A 6 0.72 -2.19 -5.62
C ALA A 6 0.71 -0.79 -5.00
N CYS A 7 1.39 -0.63 -3.88
CA CYS A 7 1.45 0.66 -3.21
C CYS A 7 2.76 0.79 -2.43
N ASN A 8 3.39 1.95 -2.56
CA ASN A 8 4.63 2.22 -1.85
C ASN A 8 4.36 3.23 -0.75
N LEU A 9 4.94 3.02 0.42
CA LEU A 9 4.75 3.93 1.55
C LEU A 9 5.52 5.25 1.35
N LEU A 10 5.49 5.76 0.14
CA LEU A 10 6.15 7.00 -0.21
C LEU A 10 5.16 7.92 -0.91
N GLY A 11 3.89 7.77 -0.57
CA GLY A 11 2.85 8.58 -1.17
C GLY A 11 1.47 8.04 -0.84
N LEU A 12 0.57 8.14 -1.79
CA LEU A 12 -0.80 7.64 -1.61
C LEU A 12 -1.36 7.12 -2.93
N THR A 13 -1.97 5.95 -2.89
CA THR A 13 -2.55 5.34 -4.06
C THR A 13 -3.45 4.17 -3.66
N CYS A 14 -4.24 4.39 -2.61
CA CYS A 14 -5.16 3.38 -2.12
C CYS A 14 -6.50 4.01 -1.82
N ASP A 15 -7.57 3.29 -2.12
CA ASP A 15 -8.93 3.78 -1.90
C ASP A 15 -9.15 4.04 -0.41
N ALA A 16 -9.98 5.03 -0.11
CA ALA A 16 -10.28 5.40 1.27
C ALA A 16 -10.71 4.20 2.10
N GLY A 17 -10.04 4.01 3.22
CA GLY A 17 -10.34 2.88 4.09
C GLY A 17 -9.24 1.85 4.07
N CYS A 18 -8.71 1.59 2.89
CA CYS A 18 -7.64 0.63 2.72
C CYS A 18 -6.29 1.30 2.87
N PHE A 19 -5.62 1.03 3.98
CA PHE A 19 -4.31 1.60 4.24
C PHE A 19 -3.24 0.92 3.40
N CYS A 20 -2.24 1.69 3.02
CA CYS A 20 -1.13 1.17 2.23
C CYS A 20 -0.26 0.28 3.10
N ARG A 21 -0.15 -0.99 2.73
CA ARG A 21 0.63 -1.94 3.51
C ARG A 21 1.90 -2.33 2.76
N PRO A 22 3.06 -2.29 3.43
CA PRO A 22 4.32 -2.68 2.82
C PRO A 22 4.39 -4.19 2.61
N ASP A 23 5.29 -4.63 1.75
CA ASP A 23 5.45 -6.05 1.46
C ASP A 23 5.77 -6.81 2.74
N GLY A 24 6.82 -6.39 3.41
CA GLY A 24 7.20 -7.02 4.65
C GLY A 24 7.99 -6.09 5.55
N VAL A 25 8.98 -6.63 6.23
CA VAL A 25 9.82 -5.84 7.12
C VAL A 25 10.94 -5.13 6.36
N GLY A 26 11.06 -3.84 6.62
CA GLY A 26 12.10 -3.04 5.98
C GLY A 26 11.92 -2.91 4.48
N ILE A 27 10.68 -2.88 4.03
CA ILE A 27 10.39 -2.75 2.61
C ILE A 27 9.46 -1.56 2.37
N VAL A 28 9.78 -0.78 1.35
CA VAL A 28 9.00 0.39 1.01
C VAL A 28 7.86 0.06 0.06
N ALA A 29 8.07 -0.96 -0.77
CA ALA A 29 7.07 -1.40 -1.72
C ALA A 29 6.08 -2.32 -1.04
N GLY A 30 4.84 -2.31 -1.51
CA GLY A 30 3.81 -3.16 -0.93
C GLY A 30 2.54 -3.12 -1.75
N VAL A 31 1.41 -3.30 -1.08
CA VAL A 31 0.12 -3.28 -1.75
C VAL A 31 -0.98 -2.84 -0.79
N CYS A 32 -1.98 -2.14 -1.31
CA CYS A 32 -3.10 -1.68 -0.50
C CYS A 32 -3.91 -2.87 0.00
N VAL A 33 -4.30 -2.83 1.26
CA VAL A 33 -5.07 -3.92 1.85
C VAL A 33 -6.52 -3.91 1.34
N GLY A 1 -9.16 -5.16 0.40
CA GLY A 1 -8.69 -5.17 -1.00
C GLY A 1 -9.21 -3.97 -1.76
N CYS A 2 -8.32 -3.31 -2.50
CA CYS A 2 -8.71 -2.13 -3.27
C CYS A 2 -7.62 -1.74 -4.27
N ALA A 3 -6.37 -2.02 -3.92
CA ALA A 3 -5.23 -1.67 -4.77
C ALA A 3 -5.39 -2.24 -6.18
N GLY A 4 -5.28 -1.36 -7.17
CA GLY A 4 -5.40 -1.78 -8.55
C GLY A 4 -4.10 -2.40 -9.07
N LYS A 5 -3.14 -2.58 -8.17
CA LYS A 5 -1.85 -3.17 -8.49
C LYS A 5 -0.97 -3.27 -7.26
N ALA A 6 -0.64 -2.12 -6.67
CA ALA A 6 0.20 -2.05 -5.48
C ALA A 6 0.39 -0.61 -5.04
N CYS A 7 0.83 -0.40 -3.81
CA CYS A 7 1.07 0.94 -3.29
C CYS A 7 2.18 0.91 -2.25
N ASN A 8 3.17 1.78 -2.42
CA ASN A 8 4.30 1.86 -1.50
C ASN A 8 3.88 2.55 -0.21
N LEU A 9 4.58 2.25 0.89
CA LEU A 9 4.29 2.86 2.19
C LEU A 9 4.82 4.30 2.21
N LEU A 10 4.57 5.02 1.13
CA LEU A 10 5.00 6.40 1.00
C LEU A 10 3.88 7.34 1.44
N GLY A 11 2.68 6.77 1.56
CA GLY A 11 1.53 7.54 1.97
C GLY A 11 0.26 6.74 1.83
N LEU A 12 -0.69 7.28 1.09
CA LEU A 12 -1.96 6.60 0.86
C LEU A 12 -2.60 7.13 -0.41
N THR A 13 -3.03 6.22 -1.28
CA THR A 13 -3.65 6.60 -2.53
C THR A 13 -4.52 5.45 -3.04
N CYS A 14 -5.12 4.74 -2.11
CA CYS A 14 -5.99 3.63 -2.44
C CYS A 14 -7.44 4.03 -2.24
N ASP A 15 -8.28 3.06 -1.91
CA ASP A 15 -9.70 3.32 -1.67
C ASP A 15 -9.92 3.55 -0.17
N ALA A 16 -11.17 3.62 0.23
CA ALA A 16 -11.50 3.84 1.62
C ALA A 16 -11.38 2.56 2.45
N GLY A 17 -10.60 2.64 3.52
CA GLY A 17 -10.43 1.50 4.42
C GLY A 17 -9.35 0.53 3.98
N CYS A 18 -8.35 1.01 3.25
CA CYS A 18 -7.26 0.15 2.81
C CYS A 18 -5.97 0.95 2.67
N PHE A 19 -5.08 0.77 3.64
CA PHE A 19 -3.80 1.46 3.67
C PHE A 19 -2.77 0.79 2.76
N CYS A 20 -1.79 1.57 2.34
CA CYS A 20 -0.71 1.07 1.49
C CYS A 20 0.27 0.24 2.30
N ARG A 21 -0.17 -0.93 2.72
CA ARG A 21 0.64 -1.82 3.54
C ARG A 21 1.89 -2.29 2.79
N PRO A 22 3.06 -2.17 3.43
CA PRO A 22 4.32 -2.62 2.85
C PRO A 22 4.36 -4.14 2.72
N ASP A 23 5.24 -4.64 1.86
CA ASP A 23 5.36 -6.08 1.64
C ASP A 23 5.70 -6.80 2.95
N GLY A 24 6.83 -6.43 3.54
CA GLY A 24 7.25 -7.03 4.78
C GLY A 24 8.08 -6.10 5.62
N VAL A 25 9.09 -6.66 6.28
CA VAL A 25 9.97 -5.89 7.14
C VAL A 25 11.08 -5.21 6.34
N GLY A 26 11.27 -3.92 6.62
CA GLY A 26 12.30 -3.15 5.95
C GLY A 26 12.05 -2.99 4.46
N ILE A 27 10.79 -2.92 4.07
CA ILE A 27 10.45 -2.75 2.66
C ILE A 27 9.49 -1.59 2.50
N VAL A 28 9.76 -0.76 1.50
CA VAL A 28 8.93 0.41 1.23
C VAL A 28 7.80 0.05 0.27
N ALA A 29 8.06 -0.88 -0.63
CA ALA A 29 7.08 -1.32 -1.59
C ALA A 29 6.04 -2.20 -0.92
N GLY A 30 4.81 -2.14 -1.38
CA GLY A 30 3.76 -2.94 -0.80
C GLY A 30 2.50 -2.91 -1.62
N VAL A 31 1.36 -3.15 -0.98
CA VAL A 31 0.08 -3.16 -1.66
C VAL A 31 -1.04 -2.80 -0.69
N CYS A 32 -2.03 -2.06 -1.19
CA CYS A 32 -3.18 -1.67 -0.38
C CYS A 32 -3.89 -2.92 0.12
N VAL A 33 -4.23 -2.96 1.40
CA VAL A 33 -4.91 -4.11 1.98
C VAL A 33 -6.33 -4.25 1.45
N GLY A 1 -7.06 -4.96 -1.63
CA GLY A 1 -8.40 -4.86 -2.24
C GLY A 1 -8.67 -3.48 -2.82
N CYS A 2 -8.35 -2.45 -2.05
CA CYS A 2 -8.57 -1.08 -2.51
C CYS A 2 -7.30 -0.53 -3.15
N ALA A 3 -6.56 -1.44 -3.75
CA ALA A 3 -5.31 -1.10 -4.42
C ALA A 3 -5.37 -1.52 -5.88
N GLY A 4 -4.87 -0.65 -6.76
CA GLY A 4 -4.86 -0.95 -8.18
C GLY A 4 -4.03 -2.19 -8.50
N LYS A 5 -2.92 -2.35 -7.80
CA LYS A 5 -2.04 -3.50 -7.99
C LYS A 5 -0.90 -3.47 -6.99
N ALA A 6 -0.33 -2.29 -6.78
CA ALA A 6 0.77 -2.12 -5.86
C ALA A 6 0.79 -0.71 -5.30
N CYS A 7 1.37 -0.54 -4.13
CA CYS A 7 1.45 0.77 -3.48
C CYS A 7 2.69 0.87 -2.62
N ASN A 8 3.38 1.99 -2.71
CA ASN A 8 4.59 2.20 -1.91
C ASN A 8 4.25 3.01 -0.67
N LEU A 9 4.78 2.58 0.47
CA LEU A 9 4.55 3.24 1.75
C LEU A 9 5.33 4.56 1.83
N LEU A 10 5.10 5.43 0.85
CA LEU A 10 5.76 6.72 0.79
C LEU A 10 4.72 7.79 0.45
N GLY A 11 3.49 7.52 0.88
CA GLY A 11 2.40 8.44 0.63
C GLY A 11 1.07 7.73 0.72
N LEU A 12 0.18 7.99 -0.24
CA LEU A 12 -1.13 7.36 -0.27
C LEU A 12 -1.73 7.50 -1.67
N THR A 13 -2.44 6.46 -2.09
CA THR A 13 -3.07 6.44 -3.40
C THR A 13 -4.10 5.31 -3.47
N CYS A 14 -4.83 5.15 -2.38
CA CYS A 14 -5.85 4.12 -2.28
C CYS A 14 -7.03 4.62 -1.47
N ASP A 15 -8.16 3.94 -1.60
CA ASP A 15 -9.39 4.31 -0.89
C ASP A 15 -9.16 4.44 0.61
N ALA A 16 -9.82 5.43 1.21
CA ALA A 16 -9.71 5.68 2.64
C ALA A 16 -10.06 4.45 3.47
N GLY A 17 -9.22 4.13 4.44
CA GLY A 17 -9.44 2.98 5.28
C GLY A 17 -8.54 1.83 4.90
N CYS A 18 -8.32 1.68 3.60
CA CYS A 18 -7.47 0.62 3.09
C CYS A 18 -6.02 1.13 3.03
N PHE A 19 -5.34 1.00 4.17
CA PHE A 19 -3.97 1.46 4.32
C PHE A 19 -3.01 0.79 3.34
N CYS A 20 -2.02 1.58 2.90
CA CYS A 20 -1.01 1.10 1.98
C CYS A 20 -0.02 0.22 2.73
N ARG A 21 -0.38 -1.05 2.86
CA ARG A 21 0.44 -2.01 3.59
C ARG A 21 1.71 -2.37 2.81
N PRO A 22 2.87 -2.30 3.47
CA PRO A 22 4.15 -2.66 2.86
C PRO A 22 4.28 -4.16 2.72
N ASP A 23 5.18 -4.59 1.85
CA ASP A 23 5.39 -6.02 1.62
C ASP A 23 5.73 -6.74 2.93
N GLY A 24 6.78 -6.29 3.58
CA GLY A 24 7.18 -6.88 4.84
C GLY A 24 8.08 -5.97 5.65
N VAL A 25 9.07 -6.57 6.30
CA VAL A 25 10.00 -5.83 7.13
C VAL A 25 11.10 -5.19 6.29
N GLY A 26 11.34 -3.91 6.52
CA GLY A 26 12.37 -3.18 5.80
C GLY A 26 12.07 -3.01 4.33
N ILE A 27 10.79 -2.98 3.99
CA ILE A 27 10.39 -2.81 2.59
C ILE A 27 9.39 -1.67 2.48
N VAL A 28 9.62 -0.79 1.52
CA VAL A 28 8.77 0.35 1.29
C VAL A 28 7.65 0.01 0.31
N ALA A 29 7.94 -0.87 -0.63
CA ALA A 29 6.96 -1.29 -1.61
C ALA A 29 5.98 -2.28 -1.01
N GLY A 30 4.73 -2.21 -1.43
CA GLY A 30 3.72 -3.11 -0.91
C GLY A 30 2.43 -3.02 -1.70
N VAL A 31 1.31 -3.24 -1.01
CA VAL A 31 0.00 -3.17 -1.64
C VAL A 31 -1.07 -2.80 -0.62
N CYS A 32 -1.96 -1.88 -0.99
CA CYS A 32 -3.04 -1.46 -0.11
C CYS A 32 -3.98 -2.64 0.15
N VAL A 33 -4.45 -2.76 1.38
CA VAL A 33 -5.36 -3.83 1.74
C VAL A 33 -6.67 -3.72 0.97
N GLY A 1 -8.06 -5.76 0.12
CA GLY A 1 -7.28 -5.57 -1.13
C GLY A 1 -7.88 -4.49 -1.99
N CYS A 2 -7.84 -3.26 -1.50
CA CYS A 2 -8.41 -2.12 -2.22
C CYS A 2 -7.36 -1.47 -3.12
N ALA A 3 -6.36 -2.25 -3.46
CA ALA A 3 -5.28 -1.77 -4.32
C ALA A 3 -5.43 -2.29 -5.74
N GLY A 4 -5.18 -1.41 -6.70
CA GLY A 4 -5.29 -1.80 -8.10
C GLY A 4 -4.23 -2.83 -8.48
N LYS A 5 -3.02 -2.63 -7.98
CA LYS A 5 -1.91 -3.54 -8.26
C LYS A 5 -0.95 -3.59 -7.07
N ALA A 6 -0.48 -2.41 -6.65
CA ALA A 6 0.46 -2.29 -5.55
C ALA A 6 0.56 -0.84 -5.11
N CYS A 7 1.02 -0.61 -3.89
CA CYS A 7 1.15 0.76 -3.38
C CYS A 7 2.26 0.86 -2.34
N ASN A 8 3.16 1.81 -2.55
CA ASN A 8 4.26 2.05 -1.62
C ASN A 8 3.77 2.88 -0.43
N LEU A 9 4.35 2.65 0.74
CA LEU A 9 3.96 3.39 1.94
C LEU A 9 4.49 4.83 1.92
N LEU A 10 4.62 5.40 0.73
CA LEU A 10 5.10 6.76 0.59
C LEU A 10 3.96 7.68 0.17
N GLY A 11 2.76 7.30 0.54
CA GLY A 11 1.58 8.08 0.20
C GLY A 11 0.31 7.27 0.27
N LEU A 12 -0.55 7.43 -0.72
CA LEU A 12 -1.81 6.73 -0.79
C LEU A 12 -2.36 6.85 -2.21
N THR A 13 -2.75 5.72 -2.81
CA THR A 13 -3.28 5.73 -4.16
C THR A 13 -4.28 4.60 -4.35
N CYS A 14 -5.22 4.52 -3.42
CA CYS A 14 -6.26 3.50 -3.46
C CYS A 14 -7.47 3.94 -2.64
N ASP A 15 -8.30 2.97 -2.29
CA ASP A 15 -9.51 3.25 -1.51
C ASP A 15 -9.16 3.76 -0.12
N ALA A 16 -9.92 4.74 0.36
CA ALA A 16 -9.71 5.31 1.67
C ALA A 16 -9.90 4.28 2.76
N GLY A 17 -8.96 4.23 3.69
CA GLY A 17 -9.05 3.27 4.77
C GLY A 17 -8.12 2.09 4.54
N CYS A 18 -7.98 1.70 3.28
CA CYS A 18 -7.12 0.59 2.92
C CYS A 18 -5.69 1.09 2.69
N PHE A 19 -5.00 1.31 3.80
CA PHE A 19 -3.63 1.82 3.79
C PHE A 19 -2.68 0.93 2.99
N CYS A 20 -1.72 1.56 2.36
CA CYS A 20 -0.72 0.87 1.55
C CYS A 20 0.26 0.12 2.45
N ARG A 21 -0.10 -1.10 2.81
CA ARG A 21 0.72 -1.93 3.66
C ARG A 21 1.98 -2.38 2.95
N PRO A 22 3.15 -2.29 3.60
CA PRO A 22 4.41 -2.71 3.01
C PRO A 22 4.43 -4.21 2.74
N ASP A 23 5.28 -4.62 1.82
CA ASP A 23 5.40 -6.04 1.46
C ASP A 23 5.78 -6.86 2.68
N GLY A 24 6.84 -6.46 3.36
CA GLY A 24 7.28 -7.15 4.54
C GLY A 24 8.04 -6.24 5.48
N VAL A 25 9.07 -6.78 6.10
CA VAL A 25 9.88 -6.01 7.04
C VAL A 25 10.98 -5.23 6.32
N GLY A 26 11.09 -3.95 6.63
CA GLY A 26 12.10 -3.09 6.03
C GLY A 26 11.90 -2.90 4.54
N ILE A 27 10.65 -2.85 4.11
CA ILE A 27 10.34 -2.65 2.70
C ILE A 27 9.38 -1.48 2.54
N VAL A 28 9.66 -0.64 1.56
CA VAL A 28 8.82 0.54 1.29
C VAL A 28 7.70 0.20 0.32
N ALA A 29 7.96 -0.75 -0.57
CA ALA A 29 6.97 -1.18 -1.54
C ALA A 29 5.98 -2.12 -0.89
N GLY A 30 4.74 -2.10 -1.34
CA GLY A 30 3.74 -2.96 -0.76
C GLY A 30 2.44 -2.94 -1.54
N VAL A 31 1.34 -3.14 -0.85
CA VAL A 31 0.03 -3.15 -1.48
C VAL A 31 -1.05 -2.73 -0.47
N CYS A 32 -2.01 -1.94 -0.92
CA CYS A 32 -3.09 -1.49 -0.04
C CYS A 32 -3.84 -2.70 0.51
N VAL A 33 -4.18 -2.65 1.79
CA VAL A 33 -4.89 -3.76 2.42
C VAL A 33 -6.30 -3.92 1.85
N GLY A 1 -9.83 -3.40 0.79
CA GLY A 1 -10.14 -3.88 -0.58
C GLY A 1 -9.95 -2.80 -1.61
N CYS A 2 -8.83 -2.11 -1.53
CA CYS A 2 -8.52 -1.03 -2.45
C CYS A 2 -7.22 -1.34 -3.19
N ALA A 3 -7.00 -2.61 -3.44
CA ALA A 3 -5.81 -3.07 -4.13
C ALA A 3 -5.92 -2.87 -5.64
N GLY A 4 -5.54 -1.69 -6.10
CA GLY A 4 -5.60 -1.38 -7.51
C GLY A 4 -4.58 -2.17 -8.31
N LYS A 5 -3.34 -2.13 -7.84
CA LYS A 5 -2.23 -2.85 -8.47
C LYS A 5 -1.09 -3.03 -7.47
N ALA A 6 -0.65 -1.93 -6.89
CA ALA A 6 0.42 -1.95 -5.91
C ALA A 6 0.46 -0.61 -5.18
N CYS A 7 1.27 -0.53 -4.14
CA CYS A 7 1.40 0.69 -3.36
C CYS A 7 2.79 0.79 -2.74
N ASN A 8 3.33 1.99 -2.67
CA ASN A 8 4.65 2.19 -2.10
C ASN A 8 4.59 3.20 -0.97
N LEU A 9 5.12 2.83 0.19
CA LEU A 9 5.14 3.68 1.37
C LEU A 9 6.21 4.76 1.20
N LEU A 10 6.06 5.56 0.17
CA LEU A 10 6.99 6.64 -0.15
C LEU A 10 6.24 7.92 -0.48
N GLY A 11 5.20 7.78 -1.27
CA GLY A 11 4.40 8.93 -1.66
C GLY A 11 3.21 8.51 -2.50
N LEU A 12 2.46 7.54 -1.99
CA LEU A 12 1.30 7.02 -2.68
C LEU A 12 0.30 6.49 -1.66
N THR A 13 -0.97 6.77 -1.88
CA THR A 13 -2.02 6.31 -0.99
C THR A 13 -3.26 5.97 -1.78
N CYS A 14 -3.95 4.91 -1.36
CA CYS A 14 -5.15 4.46 -2.04
C CYS A 14 -6.40 5.07 -1.41
N ASP A 15 -7.52 4.39 -1.57
CA ASP A 15 -8.80 4.84 -1.04
C ASP A 15 -8.79 4.87 0.49
N ALA A 16 -9.50 5.84 1.05
CA ALA A 16 -9.58 6.00 2.50
C ALA A 16 -10.12 4.73 3.16
N GLY A 17 -9.39 4.24 4.14
CA GLY A 17 -9.78 3.03 4.83
C GLY A 17 -8.78 1.92 4.60
N CYS A 18 -8.32 1.80 3.37
CA CYS A 18 -7.33 0.81 3.02
C CYS A 18 -5.94 1.38 3.20
N PHE A 19 -5.21 0.84 4.17
CA PHE A 19 -3.87 1.32 4.44
C PHE A 19 -2.85 0.73 3.46
N CYS A 20 -1.88 1.54 3.08
CA CYS A 20 -0.83 1.12 2.16
C CYS A 20 0.10 0.14 2.87
N ARG A 21 -0.24 -1.13 2.82
CA ARG A 21 0.54 -2.15 3.49
C ARG A 21 1.82 -2.47 2.74
N PRO A 22 2.96 -2.33 3.42
CA PRO A 22 4.26 -2.66 2.83
C PRO A 22 4.38 -4.16 2.69
N ASP A 23 5.24 -4.61 1.79
CA ASP A 23 5.40 -6.04 1.56
C ASP A 23 5.72 -6.77 2.86
N GLY A 24 6.75 -6.29 3.55
CA GLY A 24 7.13 -6.89 4.81
C GLY A 24 7.96 -5.95 5.66
N VAL A 25 8.92 -6.51 6.37
CA VAL A 25 9.78 -5.71 7.23
C VAL A 25 10.92 -5.08 6.45
N GLY A 26 11.11 -3.79 6.67
CA GLY A 26 12.17 -3.05 6.00
C GLY A 26 11.94 -2.92 4.50
N ILE A 27 10.68 -2.88 4.09
CA ILE A 27 10.35 -2.75 2.68
C ILE A 27 9.37 -1.60 2.48
N VAL A 28 9.64 -0.78 1.49
CA VAL A 28 8.78 0.37 1.20
C VAL A 28 7.68 -0.01 0.21
N ALA A 29 8.00 -0.93 -0.70
CA ALA A 29 7.04 -1.37 -1.69
C ALA A 29 6.07 -2.37 -1.06
N GLY A 30 4.83 -2.34 -1.52
CA GLY A 30 3.82 -3.24 -0.99
C GLY A 30 2.56 -3.24 -1.81
N VAL A 31 1.43 -3.42 -1.15
CA VAL A 31 0.14 -3.42 -1.81
C VAL A 31 -0.96 -2.95 -0.87
N CYS A 32 -1.90 -2.19 -1.41
CA CYS A 32 -3.01 -1.67 -0.63
C CYS A 32 -3.94 -2.82 -0.25
N VAL A 33 -4.40 -2.82 0.99
CA VAL A 33 -5.29 -3.87 1.48
C VAL A 33 -6.72 -3.67 1.00
N GLY A 1 -9.53 -3.75 -0.50
CA GLY A 1 -9.05 -3.98 -1.88
C GLY A 1 -9.10 -2.71 -2.69
N CYS A 2 -8.48 -1.66 -2.17
CA CYS A 2 -8.46 -0.37 -2.84
C CYS A 2 -7.22 -0.22 -3.72
N ALA A 3 -6.35 -1.23 -3.70
CA ALA A 3 -5.13 -1.19 -4.50
C ALA A 3 -5.39 -1.59 -5.95
N GLY A 4 -4.86 -0.78 -6.86
CA GLY A 4 -5.01 -1.07 -8.27
C GLY A 4 -4.12 -2.23 -8.69
N LYS A 5 -3.00 -2.39 -7.99
CA LYS A 5 -2.05 -3.46 -8.25
C LYS A 5 -0.97 -3.51 -7.18
N ALA A 6 -0.44 -2.33 -6.83
CA ALA A 6 0.59 -2.22 -5.81
C ALA A 6 0.59 -0.83 -5.21
N CYS A 7 1.24 -0.67 -4.06
CA CYS A 7 1.29 0.62 -3.39
C CYS A 7 2.57 0.73 -2.56
N ASN A 8 3.24 1.87 -2.66
CA ASN A 8 4.45 2.10 -1.90
C ASN A 8 4.13 2.90 -0.65
N LEU A 9 4.69 2.48 0.49
CA LEU A 9 4.46 3.16 1.76
C LEU A 9 5.24 4.48 1.83
N LEU A 10 5.00 5.32 0.84
CA LEU A 10 5.66 6.61 0.73
C LEU A 10 4.64 7.64 0.26
N GLY A 11 3.39 7.41 0.61
CA GLY A 11 2.31 8.29 0.22
C GLY A 11 0.98 7.58 0.27
N LEU A 12 0.20 7.72 -0.80
CA LEU A 12 -1.11 7.09 -0.88
C LEU A 12 -1.56 7.01 -2.34
N THR A 13 -2.14 5.89 -2.72
CA THR A 13 -2.59 5.69 -4.09
C THR A 13 -3.79 4.75 -4.12
N CYS A 14 -4.73 4.99 -3.21
CA CYS A 14 -5.94 4.19 -3.11
C CYS A 14 -7.02 4.96 -2.36
N ASP A 15 -8.18 4.33 -2.25
CA ASP A 15 -9.34 4.93 -1.58
C ASP A 15 -9.02 5.29 -0.13
N ALA A 16 -9.67 6.35 0.34
CA ALA A 16 -9.49 6.83 1.70
C ALA A 16 -10.13 5.90 2.73
N GLY A 17 -9.59 4.70 2.82
CA GLY A 17 -10.09 3.70 3.74
C GLY A 17 -9.11 2.56 3.86
N CYS A 18 -8.52 2.19 2.73
CA CYS A 18 -7.55 1.12 2.69
C CYS A 18 -6.16 1.71 2.91
N PHE A 19 -5.49 1.23 3.93
CA PHE A 19 -4.16 1.70 4.25
C PHE A 19 -3.12 1.04 3.35
N CYS A 20 -2.11 1.78 2.95
CA CYS A 20 -1.06 1.25 2.11
C CYS A 20 -0.19 0.33 2.96
N ARG A 21 -0.20 -0.96 2.65
CA ARG A 21 0.55 -1.93 3.43
C ARG A 21 1.83 -2.35 2.71
N PRO A 22 2.97 -2.25 3.40
CA PRO A 22 4.26 -2.65 2.84
C PRO A 22 4.36 -4.16 2.67
N ASP A 23 5.28 -4.60 1.80
CA ASP A 23 5.47 -6.02 1.53
C ASP A 23 5.80 -6.78 2.81
N GLY A 24 6.87 -6.34 3.48
CA GLY A 24 7.26 -6.99 4.71
C GLY A 24 8.13 -6.10 5.57
N VAL A 25 9.12 -6.71 6.20
CA VAL A 25 10.04 -5.98 7.08
C VAL A 25 11.12 -5.27 6.28
N GLY A 26 11.31 -3.99 6.59
CA GLY A 26 12.31 -3.18 5.94
C GLY A 26 12.06 -2.98 4.46
N ILE A 27 10.78 -2.94 4.07
CA ILE A 27 10.43 -2.73 2.68
C ILE A 27 9.40 -1.61 2.56
N VAL A 28 9.64 -0.71 1.63
CA VAL A 28 8.74 0.42 1.41
C VAL A 28 7.65 0.06 0.40
N ALA A 29 8.01 -0.78 -0.56
CA ALA A 29 7.05 -1.20 -1.58
C ALA A 29 6.10 -2.24 -1.00
N GLY A 30 4.87 -2.24 -1.48
CA GLY A 30 3.90 -3.19 -0.99
C GLY A 30 2.60 -3.14 -1.77
N VAL A 31 1.49 -3.25 -1.08
CA VAL A 31 0.19 -3.21 -1.72
C VAL A 31 -0.88 -2.66 -0.77
N CYS A 32 -1.75 -1.81 -1.29
CA CYS A 32 -2.82 -1.22 -0.50
C CYS A 32 -3.85 -2.31 -0.20
N VAL A 33 -4.36 -2.35 1.02
CA VAL A 33 -5.33 -3.36 1.42
C VAL A 33 -6.70 -3.11 0.80
N GLY A 1 -8.50 -4.78 -0.95
CA GLY A 1 -9.86 -4.21 -1.10
C GLY A 1 -9.86 -2.92 -1.89
N CYS A 2 -8.99 -1.99 -1.50
CA CYS A 2 -8.90 -0.69 -2.18
C CYS A 2 -7.57 -0.56 -2.90
N ALA A 3 -7.07 -1.67 -3.40
CA ALA A 3 -5.80 -1.69 -4.10
C ALA A 3 -5.99 -1.51 -5.60
N GLY A 4 -5.51 -0.38 -6.13
CA GLY A 4 -5.62 -0.12 -7.54
C GLY A 4 -4.81 -1.12 -8.34
N LYS A 5 -3.57 -1.32 -7.91
CA LYS A 5 -2.65 -2.26 -8.53
C LYS A 5 -1.56 -2.64 -7.54
N ALA A 6 -1.00 -1.63 -6.90
CA ALA A 6 0.06 -1.82 -5.91
C ALA A 6 0.29 -0.52 -5.16
N CYS A 7 1.28 -0.52 -4.28
CA CYS A 7 1.62 0.66 -3.51
C CYS A 7 3.11 0.67 -3.18
N ASN A 8 3.64 1.82 -2.79
CA ASN A 8 5.06 1.93 -2.48
C ASN A 8 5.25 2.89 -1.31
N LEU A 9 4.16 3.13 -0.56
CA LEU A 9 4.17 4.02 0.60
C LEU A 9 4.78 5.39 0.26
N LEU A 10 4.54 5.85 -0.95
CA LEU A 10 5.06 7.12 -1.42
C LEU A 10 3.97 7.92 -2.13
N GLY A 11 2.81 7.99 -1.51
CA GLY A 11 1.70 8.72 -2.10
C GLY A 11 0.38 8.36 -1.47
N LEU A 12 -0.66 8.30 -2.28
CA LEU A 12 -1.99 7.96 -1.80
C LEU A 12 -2.74 7.17 -2.87
N THR A 13 -2.14 6.06 -3.29
CA THR A 13 -2.75 5.20 -4.30
C THR A 13 -3.66 4.16 -3.66
N CYS A 14 -4.20 4.50 -2.49
CA CYS A 14 -5.09 3.62 -1.76
C CYS A 14 -6.32 4.41 -1.32
N ASP A 15 -7.48 3.80 -1.41
CA ASP A 15 -8.72 4.48 -1.02
C ASP A 15 -8.82 4.60 0.51
N ALA A 16 -9.88 5.25 0.98
CA ALA A 16 -10.09 5.46 2.40
C ALA A 16 -10.35 4.15 3.15
N GLY A 17 -9.66 3.97 4.27
CA GLY A 17 -9.82 2.78 5.07
C GLY A 17 -8.77 1.74 4.78
N CYS A 18 -8.41 1.62 3.51
CA CYS A 18 -7.41 0.65 3.10
C CYS A 18 -6.02 1.27 3.15
N PHE A 19 -5.27 0.91 4.17
CA PHE A 19 -3.92 1.42 4.36
C PHE A 19 -2.94 0.77 3.38
N CYS A 20 -1.92 1.53 3.00
CA CYS A 20 -0.89 1.03 2.12
C CYS A 20 0.00 0.07 2.89
N ARG A 21 -0.27 -1.21 2.77
CA ARG A 21 0.49 -2.21 3.48
C ARG A 21 1.78 -2.56 2.77
N PRO A 22 2.91 -2.38 3.44
CA PRO A 22 4.22 -2.72 2.90
C PRO A 22 4.37 -4.23 2.76
N ASP A 23 5.25 -4.66 1.87
CA ASP A 23 5.47 -6.09 1.64
C ASP A 23 5.82 -6.80 2.95
N GLY A 24 6.87 -6.34 3.60
CA GLY A 24 7.27 -6.94 4.85
C GLY A 24 8.15 -6.02 5.68
N VAL A 25 9.14 -6.60 6.33
CA VAL A 25 10.06 -5.84 7.17
C VAL A 25 11.12 -5.13 6.35
N GLY A 26 11.30 -3.84 6.62
CA GLY A 26 12.29 -3.04 5.93
C GLY A 26 11.98 -2.85 4.46
N ILE A 27 10.69 -2.84 4.12
CA ILE A 27 10.29 -2.65 2.74
C ILE A 27 9.21 -1.58 2.65
N VAL A 28 9.39 -0.67 1.72
CA VAL A 28 8.42 0.42 1.52
C VAL A 28 7.39 0.03 0.47
N ALA A 29 7.80 -0.79 -0.49
CA ALA A 29 6.90 -1.26 -1.53
C ALA A 29 5.90 -2.24 -0.97
N GLY A 30 4.67 -2.18 -1.45
CA GLY A 30 3.64 -3.08 -0.97
C GLY A 30 2.37 -2.99 -1.78
N VAL A 31 1.25 -3.17 -1.11
CA VAL A 31 -0.05 -3.10 -1.77
C VAL A 31 -1.13 -2.68 -0.78
N CYS A 32 -2.08 -1.88 -1.25
CA CYS A 32 -3.18 -1.42 -0.41
C CYS A 32 -4.05 -2.61 -0.01
N VAL A 33 -4.49 -2.65 1.24
CA VAL A 33 -5.32 -3.74 1.71
C VAL A 33 -6.73 -3.65 1.12
N GLY A 1 -9.88 -3.25 -0.31
CA GLY A 1 -9.49 -3.42 -1.72
C GLY A 1 -9.53 -2.11 -2.46
N CYS A 2 -8.86 -1.10 -1.93
CA CYS A 2 -8.82 0.21 -2.54
C CYS A 2 -7.64 0.34 -3.50
N ALA A 3 -6.68 -0.56 -3.35
CA ALA A 3 -5.49 -0.55 -4.19
C ALA A 3 -5.83 -0.79 -5.66
N GLY A 4 -5.36 0.12 -6.52
CA GLY A 4 -5.60 -0.02 -7.94
C GLY A 4 -4.78 -1.15 -8.54
N LYS A 5 -3.63 -1.41 -7.94
CA LYS A 5 -2.74 -2.47 -8.40
C LYS A 5 -1.65 -2.74 -7.38
N ALA A 6 -1.07 -1.67 -6.83
CA ALA A 6 0.00 -1.79 -5.85
C ALA A 6 0.21 -0.45 -5.14
N CYS A 7 1.12 -0.44 -4.19
CA CYS A 7 1.42 0.77 -3.43
C CYS A 7 2.87 0.73 -2.95
N ASN A 8 3.60 1.81 -3.13
CA ASN A 8 5.00 1.85 -2.70
C ASN A 8 5.18 2.76 -1.49
N LEU A 9 4.09 2.95 -0.73
CA LEU A 9 4.07 3.78 0.47
C LEU A 9 4.23 5.27 0.12
N LEU A 10 5.23 5.59 -0.69
CA LEU A 10 5.52 6.95 -1.12
C LEU A 10 4.53 7.42 -2.19
N GLY A 11 3.24 7.33 -1.88
CA GLY A 11 2.23 7.74 -2.83
C GLY A 11 0.83 7.47 -2.34
N LEU A 12 -0.04 8.45 -2.50
CA LEU A 12 -1.44 8.32 -2.08
C LEU A 12 -2.25 7.59 -3.14
N THR A 13 -1.71 6.46 -3.60
CA THR A 13 -2.35 5.66 -4.61
C THR A 13 -3.38 4.70 -4.01
N CYS A 14 -4.25 5.24 -3.18
CA CYS A 14 -5.28 4.44 -2.52
C CYS A 14 -6.35 5.35 -1.94
N ASP A 15 -7.51 4.77 -1.68
CA ASP A 15 -8.64 5.49 -1.12
C ASP A 15 -8.40 5.80 0.35
N ALA A 16 -9.04 6.86 0.84
CA ALA A 16 -8.91 7.28 2.23
C ALA A 16 -9.66 6.34 3.16
N GLY A 17 -9.17 5.12 3.26
CA GLY A 17 -9.77 4.10 4.10
C GLY A 17 -8.90 2.88 4.16
N CYS A 18 -8.33 2.52 3.03
CA CYS A 18 -7.44 1.38 2.94
C CYS A 18 -6.02 1.84 3.17
N PHE A 19 -5.37 1.27 4.16
CA PHE A 19 -3.99 1.62 4.47
C PHE A 19 -3.02 0.92 3.55
N CYS A 20 -1.97 1.62 3.15
CA CYS A 20 -0.95 1.06 2.28
C CYS A 20 -0.10 0.08 3.09
N ARG A 21 -0.17 -1.19 2.74
CA ARG A 21 0.59 -2.20 3.45
C ARG A 21 1.88 -2.53 2.73
N PRO A 22 3.01 -2.51 3.45
CA PRO A 22 4.31 -2.84 2.88
C PRO A 22 4.43 -4.33 2.66
N ASP A 23 5.36 -4.73 1.80
CA ASP A 23 5.57 -6.14 1.50
C ASP A 23 5.92 -6.90 2.76
N GLY A 24 6.95 -6.44 3.45
CA GLY A 24 7.37 -7.07 4.68
C GLY A 24 8.12 -6.12 5.59
N VAL A 25 9.13 -6.64 6.27
CA VAL A 25 9.92 -5.84 7.19
C VAL A 25 11.01 -5.07 6.44
N GLY A 26 11.11 -3.79 6.76
CA GLY A 26 12.11 -2.93 6.14
C GLY A 26 11.89 -2.74 4.66
N ILE A 27 10.64 -2.73 4.23
CA ILE A 27 10.31 -2.53 2.83
C ILE A 27 9.20 -1.51 2.68
N VAL A 28 9.39 -0.57 1.77
CA VAL A 28 8.40 0.46 1.52
C VAL A 28 7.40 0.00 0.46
N ALA A 29 7.90 -0.78 -0.49
CA ALA A 29 7.06 -1.30 -1.56
C ALA A 29 6.11 -2.36 -1.03
N GLY A 30 4.89 -2.36 -1.55
CA GLY A 30 3.91 -3.32 -1.10
C GLY A 30 2.60 -3.21 -1.86
N VAL A 31 1.50 -3.33 -1.15
CA VAL A 31 0.19 -3.23 -1.75
C VAL A 31 -0.84 -2.71 -0.74
N CYS A 32 -1.69 -1.82 -1.18
CA CYS A 32 -2.72 -1.26 -0.32
C CYS A 32 -3.84 -2.28 -0.12
N VAL A 33 -4.43 -2.30 1.06
CA VAL A 33 -5.47 -3.25 1.37
C VAL A 33 -6.83 -2.83 0.78
N GLY A 1 -9.25 -3.87 -0.71
CA GLY A 1 -8.49 -3.98 -1.98
C GLY A 1 -8.56 -2.70 -2.77
N CYS A 2 -8.08 -1.61 -2.18
CA CYS A 2 -8.11 -0.31 -2.84
C CYS A 2 -6.96 -0.17 -3.84
N ALA A 3 -5.88 -0.93 -3.62
CA ALA A 3 -4.74 -0.87 -4.52
C ALA A 3 -5.07 -1.49 -5.87
N GLY A 4 -4.83 -0.74 -6.94
CA GLY A 4 -5.11 -1.23 -8.28
C GLY A 4 -4.18 -2.36 -8.66
N LYS A 5 -2.92 -2.25 -8.26
CA LYS A 5 -1.93 -3.28 -8.56
C LYS A 5 -0.88 -3.34 -7.45
N ALA A 6 -0.44 -2.18 -6.99
CA ALA A 6 0.57 -2.10 -5.93
C ALA A 6 0.58 -0.72 -5.33
N CYS A 7 1.34 -0.55 -4.25
CA CYS A 7 1.45 0.73 -3.58
C CYS A 7 2.82 0.84 -2.90
N ASN A 8 3.36 2.04 -2.84
CA ASN A 8 4.66 2.24 -2.22
C ASN A 8 4.54 3.31 -1.14
N LEU A 9 5.24 3.11 -0.03
CA LEU A 9 5.22 4.06 1.08
C LEU A 9 6.03 5.31 0.73
N LEU A 10 5.80 5.83 -0.47
CA LEU A 10 6.48 7.02 -0.95
C LEU A 10 5.75 8.29 -0.51
N GLY A 11 5.35 8.31 0.76
CA GLY A 11 4.63 9.45 1.29
C GLY A 11 3.22 9.55 0.74
N LEU A 12 2.59 8.40 0.57
CA LEU A 12 1.24 8.33 0.03
C LEU A 12 0.59 7.01 0.44
N THR A 13 -0.72 7.04 0.62
CA THR A 13 -1.47 5.86 1.01
C THR A 13 -2.90 5.97 0.48
N CYS A 14 -3.53 4.83 0.27
CA CYS A 14 -4.89 4.79 -0.25
C CYS A 14 -5.88 5.33 0.79
N ASP A 15 -7.16 5.35 0.41
CA ASP A 15 -8.25 5.84 1.26
C ASP A 15 -8.21 5.24 2.66
N ALA A 16 -8.73 6.01 3.62
CA ALA A 16 -8.76 5.60 5.02
C ALA A 16 -9.46 4.26 5.18
N GLY A 17 -8.74 3.32 5.78
CA GLY A 17 -9.26 1.98 5.99
C GLY A 17 -8.40 0.97 5.27
N CYS A 18 -8.13 1.23 4.01
CA CYS A 18 -7.30 0.36 3.20
C CYS A 18 -5.89 0.95 3.09
N PHE A 19 -5.22 0.97 4.22
CA PHE A 19 -3.87 1.50 4.33
C PHE A 19 -2.90 0.80 3.40
N CYS A 20 -1.90 1.56 2.95
CA CYS A 20 -0.86 1.05 2.07
C CYS A 20 0.06 0.13 2.87
N ARG A 21 -0.27 -1.15 2.90
CA ARG A 21 0.52 -2.13 3.64
C ARG A 21 1.81 -2.46 2.92
N PRO A 22 2.95 -2.39 3.62
CA PRO A 22 4.23 -2.72 3.03
C PRO A 22 4.35 -4.22 2.80
N ASP A 23 5.23 -4.62 1.90
CA ASP A 23 5.41 -6.03 1.58
C ASP A 23 5.79 -6.81 2.84
N GLY A 24 6.83 -6.36 3.51
CA GLY A 24 7.26 -7.02 4.72
C GLY A 24 8.08 -6.11 5.60
N VAL A 25 9.09 -6.68 6.25
CA VAL A 25 9.96 -5.92 7.12
C VAL A 25 11.03 -5.18 6.34
N GLY A 26 11.17 -3.89 6.62
CA GLY A 26 12.16 -3.06 5.95
C GLY A 26 11.91 -2.90 4.47
N ILE A 27 10.64 -2.89 4.08
CA ILE A 27 10.30 -2.72 2.67
C ILE A 27 9.32 -1.57 2.51
N VAL A 28 9.59 -0.71 1.53
CA VAL A 28 8.75 0.44 1.27
C VAL A 28 7.64 0.10 0.28
N ALA A 29 7.89 -0.88 -0.57
CA ALA A 29 6.91 -1.32 -1.55
C ALA A 29 5.91 -2.26 -0.91
N GLY A 30 4.67 -2.20 -1.35
CA GLY A 30 3.64 -3.07 -0.81
C GLY A 30 2.35 -2.99 -1.59
N VAL A 31 1.23 -3.14 -0.89
CA VAL A 31 -0.07 -3.10 -1.53
C VAL A 31 -1.15 -2.64 -0.54
N CYS A 32 -2.03 -1.76 -0.99
CA CYS A 32 -3.13 -1.28 -0.15
C CYS A 32 -4.11 -2.40 0.09
N VAL A 33 -4.54 -2.55 1.34
CA VAL A 33 -5.50 -3.61 1.68
C VAL A 33 -6.89 -3.28 1.14
N GLY A 1 -9.85 -4.62 0.87
CA GLY A 1 -9.50 -4.99 -0.51
C GLY A 1 -9.64 -3.83 -1.45
N CYS A 2 -8.96 -2.74 -1.14
CA CYS A 2 -9.03 -1.53 -1.97
C CYS A 2 -7.79 -1.41 -2.83
N ALA A 3 -7.16 -2.54 -3.10
CA ALA A 3 -5.97 -2.59 -3.92
C ALA A 3 -6.31 -2.34 -5.39
N GLY A 4 -6.01 -1.13 -5.84
CA GLY A 4 -6.29 -0.78 -7.22
C GLY A 4 -5.31 -1.42 -8.18
N LYS A 5 -4.05 -1.43 -7.80
CA LYS A 5 -2.97 -2.02 -8.61
C LYS A 5 -1.84 -2.45 -7.69
N ALA A 6 -1.28 -1.47 -7.01
CA ALA A 6 -0.18 -1.65 -6.07
C ALA A 6 0.10 -0.32 -5.42
N CYS A 7 0.87 -0.29 -4.36
CA CYS A 7 1.18 0.96 -3.69
C CYS A 7 2.54 0.91 -3.03
N ASN A 8 3.42 1.83 -3.39
CA ASN A 8 4.76 1.88 -2.82
C ASN A 8 4.78 2.69 -1.53
N LEU A 9 3.59 2.86 -0.93
CA LEU A 9 3.41 3.64 0.31
C LEU A 9 3.61 5.13 0.06
N LEU A 10 4.66 5.47 -0.67
CA LEU A 10 4.98 6.84 -1.01
C LEU A 10 4.12 7.36 -2.16
N GLY A 11 2.82 7.14 -2.05
CA GLY A 11 1.91 7.57 -3.09
C GLY A 11 0.50 7.09 -2.83
N LEU A 12 -0.48 7.93 -3.12
CA LEU A 12 -1.86 7.57 -2.91
C LEU A 12 -2.48 7.14 -4.23
N THR A 13 -2.99 5.93 -4.27
CA THR A 13 -3.61 5.40 -5.47
C THR A 13 -4.61 4.30 -5.10
N CYS A 14 -5.19 4.43 -3.92
CA CYS A 14 -6.15 3.47 -3.41
C CYS A 14 -7.23 4.22 -2.63
N ASP A 15 -8.20 3.49 -2.09
CA ASP A 15 -9.29 4.10 -1.33
C ASP A 15 -8.81 4.57 0.04
N ALA A 16 -9.66 5.32 0.71
CA ALA A 16 -9.39 5.85 2.03
C ALA A 16 -9.52 4.79 3.11
N GLY A 17 -8.61 4.82 4.08
CA GLY A 17 -8.66 3.85 5.16
C GLY A 17 -7.87 2.59 4.85
N CYS A 18 -7.77 2.27 3.58
CA CYS A 18 -7.05 1.08 3.15
C CYS A 18 -5.57 1.42 2.98
N PHE A 19 -4.85 1.37 4.10
CA PHE A 19 -3.43 1.69 4.14
C PHE A 19 -2.60 0.82 3.20
N CYS A 20 -1.59 1.42 2.62
CA CYS A 20 -0.69 0.72 1.71
C CYS A 20 0.24 -0.16 2.54
N ARG A 21 -0.18 -1.39 2.75
CA ARG A 21 0.60 -2.33 3.54
C ARG A 21 1.87 -2.73 2.80
N PRO A 22 3.03 -2.49 3.42
CA PRO A 22 4.33 -2.86 2.86
C PRO A 22 4.49 -4.36 2.78
N ASP A 23 5.36 -4.82 1.88
CA ASP A 23 5.59 -6.25 1.70
C ASP A 23 5.92 -6.93 3.03
N GLY A 24 6.98 -6.45 3.69
CA GLY A 24 7.37 -7.01 4.96
C GLY A 24 8.25 -6.08 5.76
N VAL A 25 9.25 -6.65 6.41
CA VAL A 25 10.16 -5.89 7.23
C VAL A 25 11.23 -5.19 6.40
N GLY A 26 11.45 -3.92 6.71
CA GLY A 26 12.45 -3.12 6.01
C GLY A 26 12.08 -2.87 4.56
N ILE A 27 10.79 -2.82 4.28
CA ILE A 27 10.31 -2.59 2.93
C ILE A 27 9.19 -1.56 2.94
N VAL A 28 9.23 -0.63 2.01
CA VAL A 28 8.20 0.41 1.92
C VAL A 28 7.19 0.05 0.84
N ALA A 29 7.66 -0.67 -0.18
CA ALA A 29 6.81 -1.09 -1.28
C ALA A 29 5.84 -2.17 -0.84
N GLY A 30 4.62 -2.09 -1.34
CA GLY A 30 3.62 -3.07 -0.97
C GLY A 30 2.32 -2.89 -1.74
N VAL A 31 1.21 -3.08 -1.06
CA VAL A 31 -0.09 -2.94 -1.68
C VAL A 31 -1.14 -2.53 -0.65
N CYS A 32 -2.07 -1.68 -1.04
CA CYS A 32 -3.12 -1.22 -0.15
C CYS A 32 -4.05 -2.38 0.22
N VAL A 33 -4.45 -2.42 1.48
CA VAL A 33 -5.32 -3.48 1.98
C VAL A 33 -6.76 -3.31 1.51
N GLY A 1 -9.80 -3.55 0.75
CA GLY A 1 -10.04 -4.13 -0.59
C GLY A 1 -9.76 -3.13 -1.68
N CYS A 2 -8.67 -2.40 -1.54
CA CYS A 2 -8.27 -1.39 -2.50
C CYS A 2 -6.96 -1.80 -3.17
N ALA A 3 -6.79 -3.10 -3.34
CA ALA A 3 -5.59 -3.66 -3.94
C ALA A 3 -5.62 -3.50 -5.46
N GLY A 4 -5.22 -2.32 -5.93
CA GLY A 4 -5.19 -2.05 -7.35
C GLY A 4 -4.15 -2.89 -8.06
N LYS A 5 -2.98 -2.99 -7.45
CA LYS A 5 -1.87 -3.77 -8.01
C LYS A 5 -0.66 -3.70 -7.08
N ALA A 6 -0.36 -2.49 -6.62
CA ALA A 6 0.78 -2.26 -5.74
C ALA A 6 0.68 -0.87 -5.12
N CYS A 7 1.30 -0.70 -3.96
CA CYS A 7 1.30 0.59 -3.28
C CYS A 7 2.56 0.75 -2.45
N ASN A 8 3.27 1.84 -2.66
CA ASN A 8 4.48 2.12 -1.90
C ASN A 8 4.14 2.87 -0.63
N LEU A 9 4.79 2.52 0.46
CA LEU A 9 4.56 3.16 1.76
C LEU A 9 5.12 4.58 1.79
N LEU A 10 4.67 5.39 0.84
CA LEU A 10 5.10 6.78 0.73
C LEU A 10 3.91 7.63 0.30
N GLY A 11 2.73 7.21 0.73
CA GLY A 11 1.52 7.94 0.40
C GLY A 11 0.28 7.11 0.65
N LEU A 12 -0.68 7.21 -0.26
CA LEU A 12 -1.94 6.47 -0.15
C LEU A 12 -2.63 6.46 -1.52
N THR A 13 -2.10 5.68 -2.43
CA THR A 13 -2.63 5.59 -3.79
C THR A 13 -3.83 4.64 -3.87
N CYS A 14 -4.82 4.86 -3.01
CA CYS A 14 -6.03 4.05 -2.99
C CYS A 14 -7.15 4.77 -2.25
N ASP A 15 -8.28 4.09 -2.12
CA ASP A 15 -9.45 4.65 -1.45
C ASP A 15 -9.15 5.00 0.01
N ALA A 16 -9.79 6.07 0.48
CA ALA A 16 -9.62 6.56 1.83
C ALA A 16 -10.24 5.59 2.86
N GLY A 17 -9.58 4.46 3.03
CA GLY A 17 -10.03 3.45 3.97
C GLY A 17 -9.04 2.31 4.07
N CYS A 18 -8.46 1.97 2.93
CA CYS A 18 -7.46 0.92 2.86
C CYS A 18 -6.08 1.51 3.08
N PHE A 19 -5.41 1.01 4.10
CA PHE A 19 -4.08 1.49 4.42
C PHE A 19 -3.05 0.87 3.47
N CYS A 20 -2.08 1.67 3.05
CA CYS A 20 -1.04 1.19 2.16
C CYS A 20 -0.12 0.27 2.96
N ARG A 21 -0.24 -1.02 2.71
CA ARG A 21 0.55 -2.00 3.43
C ARG A 21 1.85 -2.33 2.69
N PRO A 22 2.99 -2.19 3.37
CA PRO A 22 4.28 -2.52 2.79
C PRO A 22 4.38 -4.02 2.61
N ASP A 23 5.25 -4.47 1.72
CA ASP A 23 5.40 -5.91 1.46
C ASP A 23 5.68 -6.67 2.75
N GLY A 24 6.73 -6.26 3.45
CA GLY A 24 7.07 -6.88 4.69
C GLY A 24 7.94 -6.00 5.56
N VAL A 25 8.89 -6.61 6.25
CA VAL A 25 9.79 -5.88 7.12
C VAL A 25 10.94 -5.24 6.35
N GLY A 26 11.15 -3.96 6.60
CA GLY A 26 12.22 -3.22 5.95
C GLY A 26 12.00 -3.06 4.45
N ILE A 27 10.74 -2.96 4.04
CA ILE A 27 10.42 -2.79 2.64
C ILE A 27 9.47 -1.61 2.47
N VAL A 28 9.76 -0.76 1.49
CA VAL A 28 8.95 0.42 1.22
C VAL A 28 7.83 0.10 0.24
N ALA A 29 8.10 -0.80 -0.69
CA ALA A 29 7.12 -1.19 -1.68
C ALA A 29 6.15 -2.20 -1.07
N GLY A 30 4.90 -2.18 -1.54
CA GLY A 30 3.92 -3.11 -1.02
C GLY A 30 2.64 -3.09 -1.83
N VAL A 31 1.51 -3.24 -1.14
CA VAL A 31 0.22 -3.24 -1.80
C VAL A 31 -0.87 -2.75 -0.84
N CYS A 32 -1.79 -1.95 -1.36
CA CYS A 32 -2.89 -1.43 -0.56
C CYS A 32 -3.84 -2.58 -0.22
N VAL A 33 -4.25 -2.67 1.04
CA VAL A 33 -5.14 -3.74 1.47
C VAL A 33 -6.56 -3.54 0.98
N GLY A 1 -9.84 -3.53 1.44
CA GLY A 1 -10.29 -3.99 0.11
C GLY A 1 -10.17 -2.91 -0.93
N CYS A 2 -9.03 -2.23 -0.95
CA CYS A 2 -8.79 -1.16 -1.90
C CYS A 2 -7.49 -1.41 -2.66
N ALA A 3 -7.27 -2.67 -2.99
CA ALA A 3 -6.07 -3.08 -3.70
C ALA A 3 -6.20 -2.76 -5.19
N GLY A 4 -6.03 -1.49 -5.51
CA GLY A 4 -6.13 -1.05 -6.90
C GLY A 4 -5.15 -1.77 -7.81
N LYS A 5 -3.93 -1.94 -7.33
CA LYS A 5 -2.91 -2.65 -8.09
C LYS A 5 -1.66 -2.85 -7.24
N ALA A 6 -1.12 -1.76 -6.71
CA ALA A 6 0.07 -1.82 -5.87
C ALA A 6 0.28 -0.49 -5.17
N CYS A 7 1.24 -0.46 -4.26
CA CYS A 7 1.57 0.74 -3.51
C CYS A 7 3.05 0.70 -3.16
N ASN A 8 3.65 1.85 -2.88
CA ASN A 8 5.06 1.87 -2.55
C ASN A 8 5.34 2.82 -1.38
N LEU A 9 4.31 2.99 -0.53
CA LEU A 9 4.40 3.86 0.64
C LEU A 9 4.84 5.27 0.25
N LEU A 10 4.24 5.80 -0.81
CA LEU A 10 4.55 7.14 -1.28
C LEU A 10 3.40 7.74 -2.07
N GLY A 11 2.18 7.42 -1.66
CA GLY A 11 1.02 7.94 -2.34
C GLY A 11 -0.28 7.46 -1.73
N LEU A 12 -1.20 8.38 -1.51
CA LEU A 12 -2.50 8.06 -0.92
C LEU A 12 -3.50 7.64 -2.01
N THR A 13 -3.06 6.78 -2.90
CA THR A 13 -3.91 6.31 -3.99
C THR A 13 -4.74 5.11 -3.55
N CYS A 14 -5.20 5.14 -2.31
CA CYS A 14 -6.02 4.08 -1.75
C CYS A 14 -7.05 4.67 -0.79
N ASP A 15 -8.28 4.17 -0.86
CA ASP A 15 -9.37 4.65 -0.04
C ASP A 15 -9.08 4.50 1.46
N ALA A 16 -9.69 5.38 2.25
CA ALA A 16 -9.52 5.40 3.69
C ALA A 16 -9.80 4.03 4.31
N GLY A 17 -8.94 3.61 5.20
CA GLY A 17 -9.08 2.32 5.84
C GLY A 17 -8.12 1.30 5.25
N CYS A 18 -7.96 1.37 3.95
CA CYS A 18 -7.05 0.46 3.25
C CYS A 18 -5.65 1.04 3.21
N PHE A 19 -4.95 0.90 4.32
CA PHE A 19 -3.60 1.41 4.46
C PHE A 19 -2.64 0.80 3.45
N CYS A 20 -1.64 1.59 3.05
CA CYS A 20 -0.62 1.14 2.12
C CYS A 20 0.28 0.12 2.80
N ARG A 21 -0.21 -1.10 2.87
CA ARG A 21 0.49 -2.18 3.52
C ARG A 21 1.75 -2.58 2.74
N PRO A 22 2.91 -2.55 3.41
CA PRO A 22 4.18 -2.92 2.80
C PRO A 22 4.33 -4.43 2.61
N ASP A 23 5.28 -4.81 1.77
CA ASP A 23 5.56 -6.22 1.48
C ASP A 23 5.94 -6.97 2.75
N GLY A 24 6.90 -6.43 3.48
CA GLY A 24 7.33 -7.04 4.71
C GLY A 24 8.08 -6.08 5.61
N VAL A 25 9.10 -6.58 6.27
CA VAL A 25 9.90 -5.77 7.18
C VAL A 25 10.98 -5.00 6.44
N GLY A 26 11.07 -3.71 6.74
CA GLY A 26 12.07 -2.85 6.12
C GLY A 26 11.83 -2.65 4.64
N ILE A 27 10.57 -2.68 4.23
CA ILE A 27 10.22 -2.49 2.83
C ILE A 27 9.10 -1.47 2.71
N VAL A 28 9.25 -0.55 1.78
CA VAL A 28 8.24 0.48 1.55
C VAL A 28 7.23 0.02 0.50
N ALA A 29 7.71 -0.75 -0.47
CA ALA A 29 6.88 -1.26 -1.53
C ALA A 29 5.91 -2.30 -1.01
N GLY A 30 4.68 -2.28 -1.51
CA GLY A 30 3.68 -3.23 -1.07
C GLY A 30 2.37 -3.09 -1.80
N VAL A 31 1.27 -3.36 -1.12
CA VAL A 31 -0.05 -3.25 -1.70
C VAL A 31 -1.09 -2.95 -0.61
N CYS A 32 -1.95 -1.97 -0.88
CA CYS A 32 -3.00 -1.59 0.06
C CYS A 32 -3.92 -2.77 0.36
N VAL A 33 -4.43 -2.81 1.58
CA VAL A 33 -5.31 -3.89 2.01
C VAL A 33 -6.71 -3.74 1.40
N GLY A 1 -9.72 -4.37 0.89
CA GLY A 1 -9.96 -4.94 -0.46
C GLY A 1 -9.86 -3.89 -1.53
N CYS A 2 -8.80 -3.09 -1.48
CA CYS A 2 -8.60 -2.03 -2.45
C CYS A 2 -7.24 -2.20 -3.12
N ALA A 3 -6.93 -3.45 -3.42
CA ALA A 3 -5.66 -3.80 -4.05
C ALA A 3 -5.65 -3.41 -5.52
N GLY A 4 -5.50 -2.12 -5.77
CA GLY A 4 -5.47 -1.61 -7.14
C GLY A 4 -4.40 -2.29 -7.98
N LYS A 5 -3.22 -2.47 -7.39
CA LYS A 5 -2.11 -3.13 -8.06
C LYS A 5 -0.91 -3.23 -7.14
N ALA A 6 -0.52 -2.09 -6.57
CA ALA A 6 0.63 -2.02 -5.66
C ALA A 6 0.66 -0.66 -4.99
N CYS A 7 1.33 -0.58 -3.85
CA CYS A 7 1.43 0.68 -3.13
C CYS A 7 2.71 0.75 -2.33
N ASN A 8 3.39 1.89 -2.41
CA ASN A 8 4.62 2.10 -1.67
C ASN A 8 4.34 3.04 -0.51
N LEU A 9 4.93 2.76 0.65
CA LEU A 9 4.74 3.60 1.83
C LEU A 9 5.27 5.01 1.60
N LEU A 10 5.99 5.20 0.51
CA LEU A 10 6.55 6.49 0.13
C LEU A 10 5.49 7.35 -0.56
N GLY A 11 4.26 7.27 -0.08
CA GLY A 11 3.18 8.03 -0.66
C GLY A 11 1.83 7.43 -0.31
N LEU A 12 0.93 7.40 -1.28
CA LEU A 12 -0.40 6.85 -1.07
C LEU A 12 -1.10 6.66 -2.41
N THR A 13 -1.67 5.49 -2.60
CA THR A 13 -2.38 5.16 -3.83
C THR A 13 -3.35 4.01 -3.58
N CYS A 14 -4.11 4.15 -2.50
CA CYS A 14 -5.09 3.15 -2.11
C CYS A 14 -6.44 3.78 -1.87
N ASP A 15 -7.50 3.06 -2.22
CA ASP A 15 -8.86 3.55 -2.05
C ASP A 15 -9.12 3.83 -0.58
N ALA A 16 -9.93 4.85 -0.31
CA ALA A 16 -10.25 5.25 1.05
C ALA A 16 -10.75 4.08 1.89
N GLY A 17 -10.06 3.83 3.00
CA GLY A 17 -10.42 2.73 3.87
C GLY A 17 -9.31 1.70 3.95
N CYS A 18 -8.73 1.38 2.81
CA CYS A 18 -7.65 0.42 2.75
C CYS A 18 -6.30 1.12 2.90
N PHE A 19 -5.62 0.81 3.99
CA PHE A 19 -4.32 1.40 4.27
C PHE A 19 -3.25 0.83 3.36
N CYS A 20 -2.27 1.66 3.01
CA CYS A 20 -1.17 1.21 2.18
C CYS A 20 -0.28 0.30 3.02
N ARG A 21 -0.15 -0.95 2.61
CA ARG A 21 0.65 -1.90 3.37
C ARG A 21 1.88 -2.33 2.61
N PRO A 22 3.07 -2.15 3.21
CA PRO A 22 4.33 -2.58 2.61
C PRO A 22 4.39 -4.09 2.55
N ASP A 23 5.26 -4.64 1.71
CA ASP A 23 5.38 -6.08 1.56
C ASP A 23 5.66 -6.75 2.90
N GLY A 24 6.73 -6.31 3.55
CA GLY A 24 7.09 -6.85 4.84
C GLY A 24 7.94 -5.91 5.65
N VAL A 25 8.91 -6.47 6.36
CA VAL A 25 9.80 -5.68 7.19
C VAL A 25 10.96 -5.10 6.39
N GLY A 26 11.20 -3.81 6.59
CA GLY A 26 12.27 -3.12 5.89
C GLY A 26 12.05 -3.01 4.40
N ILE A 27 10.80 -2.94 3.98
CA ILE A 27 10.47 -2.83 2.58
C ILE A 27 9.52 -1.65 2.36
N VAL A 28 9.81 -0.86 1.34
CA VAL A 28 9.00 0.31 1.03
C VAL A 28 7.86 -0.03 0.08
N ALA A 29 8.10 -1.01 -0.79
CA ALA A 29 7.10 -1.44 -1.75
C ALA A 29 6.12 -2.39 -1.11
N GLY A 30 4.88 -2.36 -1.57
CA GLY A 30 3.86 -3.23 -1.02
C GLY A 30 2.60 -3.22 -1.86
N VAL A 31 1.47 -3.46 -1.22
CA VAL A 31 0.20 -3.47 -1.91
C VAL A 31 -0.94 -3.08 -0.96
N CYS A 32 -1.93 -2.37 -1.50
CA CYS A 32 -3.09 -1.95 -0.71
C CYS A 32 -3.88 -3.17 -0.24
N VAL A 33 -4.31 -3.15 1.02
CA VAL A 33 -5.08 -4.24 1.58
C VAL A 33 -6.53 -4.19 1.09
N GLY A 1 -9.86 -2.96 0.70
CA GLY A 1 -10.21 -3.54 -0.62
C GLY A 1 -9.91 -2.58 -1.74
N CYS A 2 -8.76 -1.92 -1.66
CA CYS A 2 -8.36 -0.95 -2.66
C CYS A 2 -7.06 -1.42 -3.32
N ALA A 3 -6.96 -2.73 -3.50
CA ALA A 3 -5.79 -3.34 -4.11
C ALA A 3 -5.82 -3.19 -5.63
N GLY A 4 -5.54 -1.97 -6.08
CA GLY A 4 -5.53 -1.68 -7.50
C GLY A 4 -4.51 -2.52 -8.26
N LYS A 5 -3.34 -2.69 -7.67
CA LYS A 5 -2.27 -3.49 -8.27
C LYS A 5 -1.08 -3.58 -7.31
N ALA A 6 -0.71 -2.43 -6.77
CA ALA A 6 0.42 -2.35 -5.84
C ALA A 6 0.40 -1.03 -5.11
N CYS A 7 1.32 -0.84 -4.18
CA CYS A 7 1.39 0.39 -3.42
C CYS A 7 2.83 0.64 -2.97
N ASN A 8 3.11 1.84 -2.49
CA ASN A 8 4.45 2.20 -2.05
C ASN A 8 4.34 3.31 -1.01
N LEU A 9 4.99 3.11 0.15
CA LEU A 9 4.95 4.08 1.25
C LEU A 9 5.76 5.34 0.94
N LEU A 10 5.53 5.92 -0.23
CA LEU A 10 6.21 7.14 -0.64
C LEU A 10 5.31 8.34 -0.38
N GLY A 11 4.01 8.11 -0.47
CA GLY A 11 3.04 9.15 -0.26
C GLY A 11 1.62 8.63 -0.39
N LEU A 12 0.77 9.38 -1.08
CA LEU A 12 -0.59 8.96 -1.28
C LEU A 12 -0.70 8.28 -2.64
N THR A 13 -1.25 7.08 -2.64
CA THR A 13 -1.39 6.33 -3.87
C THR A 13 -2.44 5.22 -3.69
N CYS A 14 -3.54 5.58 -3.03
CA CYS A 14 -4.62 4.64 -2.80
C CYS A 14 -5.86 5.41 -2.34
N ASP A 15 -6.96 4.70 -2.20
CA ASP A 15 -8.23 5.29 -1.77
C ASP A 15 -8.16 5.71 -0.31
N ALA A 16 -8.91 6.75 0.03
CA ALA A 16 -8.95 7.28 1.38
C ALA A 16 -9.73 6.37 2.32
N GLY A 17 -9.16 5.19 2.56
CA GLY A 17 -9.80 4.22 3.43
C GLY A 17 -8.92 3.00 3.63
N CYS A 18 -8.23 2.62 2.56
CA CYS A 18 -7.34 1.49 2.61
C CYS A 18 -5.91 1.96 2.87
N PHE A 19 -5.32 1.43 3.91
CA PHE A 19 -3.96 1.81 4.27
C PHE A 19 -2.95 1.08 3.40
N CYS A 20 -1.90 1.78 3.02
CA CYS A 20 -0.86 1.21 2.18
C CYS A 20 -0.03 0.24 3.00
N ARG A 21 -0.15 -1.05 2.69
CA ARG A 21 0.59 -2.06 3.42
C ARG A 21 1.89 -2.39 2.72
N PRO A 22 3.00 -2.40 3.46
CA PRO A 22 4.31 -2.74 2.91
C PRO A 22 4.41 -4.23 2.63
N ASP A 23 5.34 -4.61 1.77
CA ASP A 23 5.52 -6.01 1.41
C ASP A 23 5.87 -6.82 2.65
N GLY A 24 6.89 -6.39 3.37
CA GLY A 24 7.29 -7.09 4.58
C GLY A 24 8.11 -6.20 5.49
N VAL A 25 9.10 -6.79 6.14
CA VAL A 25 9.95 -6.05 7.05
C VAL A 25 11.04 -5.29 6.30
N GLY A 26 11.18 -4.02 6.63
CA GLY A 26 12.18 -3.16 6.01
C GLY A 26 11.93 -2.92 4.54
N ILE A 27 10.66 -2.89 4.14
CA ILE A 27 10.32 -2.65 2.75
C ILE A 27 9.30 -1.52 2.66
N VAL A 28 9.55 -0.60 1.75
CA VAL A 28 8.67 0.55 1.56
C VAL A 28 7.59 0.25 0.53
N ALA A 29 7.90 -0.64 -0.41
CA ALA A 29 6.95 -1.01 -1.45
C ALA A 29 6.04 -2.11 -0.94
N GLY A 30 4.83 -2.17 -1.46
CA GLY A 30 3.88 -3.18 -1.03
C GLY A 30 2.61 -3.17 -1.85
N VAL A 31 1.48 -3.31 -1.16
CA VAL A 31 0.18 -3.31 -1.82
C VAL A 31 -0.89 -2.77 -0.87
N CYS A 32 -1.83 -2.02 -1.43
CA CYS A 32 -2.91 -1.45 -0.64
C CYS A 32 -3.91 -2.54 -0.28
N VAL A 33 -4.36 -2.55 0.97
CA VAL A 33 -5.31 -3.56 1.43
C VAL A 33 -6.72 -3.30 0.92
N GLY A 1 -9.96 -3.19 0.85
CA GLY A 1 -10.17 -3.72 -0.52
C GLY A 1 -9.93 -2.66 -1.56
N CYS A 2 -8.79 -1.98 -1.46
CA CYS A 2 -8.46 -0.93 -2.40
C CYS A 2 -7.16 -1.25 -3.13
N ALA A 3 -6.94 -2.52 -3.39
CA ALA A 3 -5.72 -2.96 -4.09
C ALA A 3 -5.84 -2.76 -5.58
N GLY A 4 -6.16 -1.55 -5.97
CA GLY A 4 -6.28 -1.21 -7.36
C GLY A 4 -4.92 -1.24 -8.03
N LYS A 5 -3.93 -0.72 -7.31
CA LYS A 5 -2.55 -0.67 -7.76
C LYS A 5 -1.63 -0.78 -6.55
N ALA A 6 -0.51 -1.46 -6.72
CA ALA A 6 0.46 -1.63 -5.64
C ALA A 6 0.91 -0.27 -5.12
N CYS A 7 0.76 -0.06 -3.82
CA CYS A 7 1.14 1.19 -3.20
C CYS A 7 2.59 1.15 -2.74
N ASN A 8 3.42 1.99 -3.34
CA ASN A 8 4.84 2.04 -3.00
C ASN A 8 5.13 3.23 -2.09
N LEU A 9 4.09 4.04 -1.82
CA LEU A 9 4.18 5.24 -0.97
C LEU A 9 4.98 6.36 -1.64
N LEU A 10 6.11 6.01 -2.25
CA LEU A 10 7.00 6.96 -2.92
C LEU A 10 6.24 7.86 -3.89
N GLY A 11 5.27 7.29 -4.61
CA GLY A 11 4.50 8.07 -5.56
C GLY A 11 3.17 7.42 -5.87
N LEU A 12 2.52 6.92 -4.82
CA LEU A 12 1.23 6.26 -4.96
C LEU A 12 0.69 5.93 -3.58
N THR A 13 -0.59 6.18 -3.37
CA THR A 13 -1.23 5.90 -2.09
C THR A 13 -2.74 5.87 -2.26
N CYS A 14 -3.41 5.02 -1.51
CA CYS A 14 -4.86 4.88 -1.61
C CYS A 14 -5.58 5.70 -0.55
N ASP A 15 -6.90 5.85 -0.73
CA ASP A 15 -7.75 6.61 0.18
C ASP A 15 -7.65 6.08 1.61
N ALA A 16 -7.94 6.97 2.57
CA ALA A 16 -7.89 6.62 3.98
C ALA A 16 -8.80 5.42 4.30
N GLY A 17 -8.19 4.37 4.80
CA GLY A 17 -8.92 3.16 5.13
C GLY A 17 -8.13 1.94 4.71
N CYS A 18 -7.83 1.88 3.43
CA CYS A 18 -7.04 0.79 2.88
C CYS A 18 -5.57 1.15 2.96
N PHE A 19 -5.01 1.03 4.14
CA PHE A 19 -3.61 1.37 4.40
C PHE A 19 -2.67 0.64 3.44
N CYS A 20 -1.65 1.35 2.99
CA CYS A 20 -0.66 0.79 2.10
C CYS A 20 0.22 -0.20 2.86
N ARG A 21 -0.20 -1.45 2.89
CA ARG A 21 0.55 -2.47 3.59
C ARG A 21 1.81 -2.83 2.84
N PRO A 22 2.98 -2.65 3.48
CA PRO A 22 4.27 -2.98 2.88
C PRO A 22 4.44 -4.48 2.77
N ASP A 23 5.32 -4.91 1.87
CA ASP A 23 5.56 -6.34 1.65
C ASP A 23 5.90 -7.03 2.96
N GLY A 24 6.90 -6.51 3.65
CA GLY A 24 7.30 -7.08 4.91
C GLY A 24 8.02 -6.06 5.77
N VAL A 25 9.05 -6.52 6.48
CA VAL A 25 9.82 -5.65 7.35
C VAL A 25 10.90 -4.91 6.58
N GLY A 26 10.96 -3.61 6.78
CA GLY A 26 11.95 -2.77 6.12
C GLY A 26 11.77 -2.70 4.62
N ILE A 27 10.52 -2.73 4.17
CA ILE A 27 10.22 -2.66 2.74
C ILE A 27 9.21 -1.55 2.48
N VAL A 28 9.48 -0.76 1.46
CA VAL A 28 8.61 0.36 1.10
C VAL A 28 7.54 -0.08 0.11
N ALA A 29 7.87 -1.08 -0.71
CA ALA A 29 6.95 -1.58 -1.69
C ALA A 29 5.85 -2.39 -1.02
N GLY A 30 4.61 -2.17 -1.44
CA GLY A 30 3.51 -2.90 -0.87
C GLY A 30 2.24 -2.76 -1.68
N VAL A 31 1.11 -2.96 -1.04
CA VAL A 31 -0.18 -2.84 -1.70
C VAL A 31 -1.26 -2.45 -0.70
N CYS A 32 -2.24 -1.68 -1.16
CA CYS A 32 -3.33 -1.24 -0.30
C CYS A 32 -4.23 -2.43 0.03
N VAL A 33 -4.60 -2.57 1.29
CA VAL A 33 -5.46 -3.67 1.72
C VAL A 33 -6.90 -3.47 1.24
#